data_4F8C
#
_entry.id   4F8C
#
_cell.length_a   125.359
_cell.length_b   125.359
_cell.length_c   169.930
_cell.angle_alpha   90.00
_cell.angle_beta   90.00
_cell.angle_gamma   120.00
#
_symmetry.space_group_name_H-M   'P 63 2 2'
#
loop_
_entity.id
_entity.type
_entity.pdbx_description
1 polymer 'Cycle Inhibiting Factor'
2 polymer NEDD8
3 non-polymer 1,2-ETHANEDIOL
4 water water
#
loop_
_entity_poly.entity_id
_entity_poly.type
_entity_poly.pdbx_seq_one_letter_code
_entity_poly.pdbx_strand_id
1 'polypeptide(L)'
;MAHHHHHHSSGLEVLFQGPPVSHSINNPSIQHVQDFATLSARSLRANVLLNSDDHSVPIHAKNPSELLEAIDNNISQTAQ
DWGVSIQEVEVILGSSKRIIEPVAGVTANTIMKLFLDNDIFSYSFEKGQSLSLSQLQERLASLPAHKNFILRVNDGGLGH
AYVIDFPATTNPSRDAFLYQSDLGEGVTREVRFEDWMTQKASHPISLDDINTHFIGIAQDQIDLAHIAKLFDVDGNVKML
RADHLISHKTSEFNFQLFEYDLKNLENNMSIIKTH
;
A,C
2 'polypeptide(L)'
;MLIKVKTLTGKEIEIDIEPTDKVERIKERVEEKEGIPPQQQRLIYSGKQMNDEKTAADYKILGGSVLHLVLALRGGGGLR
QKHHHHHH
;
B,D
#
# COMPACT_ATOMS: atom_id res chain seq x y z
N ASN A 27 19.98 1.56 -22.35
CA ASN A 27 19.51 0.68 -21.22
C ASN A 27 19.50 1.44 -19.92
N PRO A 28 18.45 2.26 -19.73
CA PRO A 28 18.48 3.32 -18.72
C PRO A 28 18.45 2.70 -17.31
N SER A 29 17.93 1.49 -17.17
CA SER A 29 17.87 0.92 -15.78
C SER A 29 19.26 0.74 -15.18
N ILE A 30 20.23 0.27 -15.98
CA ILE A 30 21.58 0.00 -15.47
C ILE A 30 22.13 1.29 -14.97
N GLN A 31 21.88 2.38 -15.69
CA GLN A 31 22.39 3.65 -15.31
C GLN A 31 21.83 4.14 -13.97
N HIS A 32 20.55 3.86 -13.74
CA HIS A 32 19.99 4.20 -12.44
C HIS A 32 20.71 3.45 -11.29
N VAL A 33 20.90 2.17 -11.47
CA VAL A 33 21.61 1.39 -10.43
C VAL A 33 23.04 1.91 -10.26
N GLN A 34 23.73 2.23 -11.38
CA GLN A 34 25.07 2.81 -11.22
C GLN A 34 25.03 4.08 -10.44
N ASP A 35 24.08 4.99 -10.79
CA ASP A 35 23.99 6.24 -10.09
C ASP A 35 23.76 5.97 -8.57
N PHE A 36 22.89 5.00 -8.27
CA PHE A 36 22.70 4.70 -6.83
C PHE A 36 23.96 4.19 -6.12
N ALA A 37 24.70 3.28 -6.79
CA ALA A 37 25.94 2.76 -6.26
C ALA A 37 26.92 3.88 -6.00
N THR A 38 27.07 4.80 -6.95
N THR A 38 27.02 4.79 -6.96
CA THR A 38 28.04 5.89 -6.77
CA THR A 38 27.90 5.93 -6.85
C THR A 38 27.60 6.89 -5.68
C THR A 38 27.58 6.82 -5.68
N LEU A 39 26.31 7.17 -5.58
CA LEU A 39 25.83 8.10 -4.56
C LEU A 39 26.02 7.48 -3.14
N SER A 40 25.67 6.20 -3.03
CA SER A 40 25.62 5.51 -1.73
C SER A 40 27.09 5.27 -1.31
N ALA A 41 28.05 5.39 -2.23
CA ALA A 41 29.45 5.29 -1.78
C ALA A 41 30.03 6.55 -1.20
N ARG A 42 29.36 7.69 -1.34
N ARG A 42 29.33 7.66 -1.43
CA ARG A 42 29.97 8.98 -0.92
CA ARG A 42 29.87 9.01 -1.21
C ARG A 42 29.07 9.80 0.01
C ARG A 42 28.96 9.90 -0.32
N SER A 43 27.83 9.35 0.14
CA SER A 43 26.85 10.04 0.97
C SER A 43 26.43 9.09 2.10
N LEU A 44 26.57 9.54 3.35
CA LEU A 44 26.06 8.69 4.48
C LEU A 44 24.57 8.48 4.44
N ARG A 45 23.88 9.47 3.93
CA ARG A 45 22.42 9.42 3.88
C ARG A 45 21.99 8.35 2.87
N ALA A 46 22.63 8.38 1.69
CA ALA A 46 22.29 7.40 0.66
C ALA A 46 22.83 6.03 1.14
N ASN A 47 23.98 6.00 1.82
CA ASN A 47 24.56 4.73 2.24
C ASN A 47 23.67 4.04 3.29
N VAL A 48 23.05 4.81 4.19
CA VAL A 48 22.17 4.13 5.16
C VAL A 48 20.93 3.62 4.46
N LEU A 49 20.52 4.25 3.36
CA LEU A 49 19.46 3.66 2.54
C LEU A 49 19.93 2.35 1.93
N LEU A 50 21.15 2.29 1.42
CA LEU A 50 21.65 1.05 0.77
C LEU A 50 21.66 -0.13 1.79
N ASN A 51 22.02 0.19 3.01
CA ASN A 51 22.16 -0.80 4.09
C ASN A 51 20.92 -0.96 4.99
N SER A 52 19.79 -0.33 4.62
CA SER A 52 18.61 -0.35 5.45
C SER A 52 17.97 -1.74 5.61
N ASP A 53 17.41 -1.98 6.80
CA ASP A 53 16.67 -3.21 6.98
C ASP A 53 15.24 -3.02 7.49
N ASP A 54 14.70 -1.81 7.37
CA ASP A 54 13.24 -1.60 7.70
C ASP A 54 12.41 -1.94 6.46
N HIS A 55 12.26 -3.22 6.19
CA HIS A 55 11.94 -3.71 4.84
C HIS A 55 10.50 -3.33 4.49
N SER A 56 9.70 -3.07 5.53
N SER A 56 9.67 -3.07 5.52
CA SER A 56 8.30 -2.72 5.36
CA SER A 56 8.27 -2.68 5.32
C SER A 56 8.14 -1.26 4.89
C SER A 56 8.13 -1.24 4.84
N VAL A 57 9.19 -0.46 4.97
CA VAL A 57 9.13 0.93 4.56
C VAL A 57 9.72 1.04 3.11
N PRO A 58 8.90 1.58 2.16
CA PRO A 58 9.47 1.67 0.79
C PRO A 58 10.64 2.60 0.71
N ILE A 59 11.54 2.32 -0.26
CA ILE A 59 12.80 3.02 -0.26
C ILE A 59 12.62 4.55 -0.34
N HIS A 60 11.65 5.02 -1.13
CA HIS A 60 11.48 6.46 -1.32
C HIS A 60 11.03 7.17 -0.07
N ALA A 61 10.41 6.42 0.83
CA ALA A 61 9.83 6.97 2.06
C ALA A 61 10.72 6.76 3.30
N LYS A 62 11.85 6.07 3.19
CA LYS A 62 12.73 5.85 4.33
C LYS A 62 13.30 7.16 4.83
N ASN A 63 13.59 7.25 6.14
CA ASN A 63 14.09 8.49 6.75
C ASN A 63 15.52 8.28 7.20
N PRO A 64 16.51 8.80 6.44
CA PRO A 64 17.87 8.47 6.81
C PRO A 64 18.24 8.96 8.22
N SER A 65 17.73 10.13 8.66
CA SER A 65 17.98 10.62 10.03
C SER A 65 17.58 9.62 11.12
N GLU A 66 16.41 9.03 10.98
CA GLU A 66 15.95 8.08 11.98
C GLU A 66 16.75 6.79 11.94
N LEU A 67 17.18 6.41 10.72
CA LEU A 67 17.93 5.19 10.56
C LEU A 67 19.30 5.33 11.21
N LEU A 68 19.96 6.47 11.01
CA LEU A 68 21.22 6.72 11.60
C LEU A 68 21.13 6.85 13.13
N GLU A 69 20.03 7.43 13.61
CA GLU A 69 19.78 7.49 15.07
C GLU A 69 19.58 6.10 15.69
N ALA A 70 18.90 5.21 14.98
CA ALA A 70 18.68 3.82 15.37
C ALA A 70 19.97 3.10 15.51
N ILE A 71 20.86 3.29 14.54
CA ILE A 71 22.23 2.82 14.65
C ILE A 71 22.97 3.32 15.88
N ASP A 72 22.98 4.64 16.09
CA ASP A 72 23.63 5.24 17.29
C ASP A 72 23.03 4.65 18.60
N ASN A 73 21.71 4.55 18.67
CA ASN A 73 21.03 3.91 19.84
C ASN A 73 21.43 2.47 20.06
N ASN A 74 21.45 1.65 18.98
CA ASN A 74 22.00 0.31 19.06
C ASN A 74 23.45 0.22 19.52
N ILE A 75 24.30 1.12 18.99
CA ILE A 75 25.70 1.07 19.35
C ILE A 75 25.90 1.42 20.86
N SER A 76 25.16 2.43 21.30
CA SER A 76 25.28 2.96 22.65
C SER A 76 24.78 1.89 23.66
N GLN A 77 23.66 1.24 23.33
CA GLN A 77 23.08 0.19 24.12
C GLN A 77 24.04 -1.00 24.22
N THR A 78 24.63 -1.37 23.09
CA THR A 78 25.58 -2.48 22.97
C THR A 78 26.91 -2.23 23.71
N ALA A 79 27.39 -0.99 23.69
CA ALA A 79 28.55 -0.66 24.52
C ALA A 79 28.19 -0.85 26.01
N GLN A 80 27.02 -0.41 26.42
CA GLN A 80 26.59 -0.63 27.78
C GLN A 80 26.39 -2.15 28.08
N ASP A 81 25.85 -2.91 27.12
CA ASP A 81 25.68 -4.37 27.27
C ASP A 81 26.99 -5.13 27.30
N TRP A 82 28.02 -4.67 26.59
CA TRP A 82 29.26 -5.48 26.51
C TRP A 82 30.29 -5.07 27.53
N GLY A 83 29.97 -4.01 28.30
CA GLY A 83 30.87 -3.37 29.24
C GLY A 83 32.11 -2.77 28.62
N VAL A 84 32.00 -2.10 27.47
CA VAL A 84 33.15 -1.56 26.74
C VAL A 84 32.76 -0.21 26.18
N SER A 85 33.71 0.47 25.54
CA SER A 85 33.46 1.80 24.99
C SER A 85 32.68 1.70 23.66
N ILE A 86 32.03 2.80 23.32
CA ILE A 86 31.35 2.97 22.05
C ILE A 86 32.30 2.70 20.89
N GLN A 87 33.53 3.15 21.04
CA GLN A 87 34.52 3.05 20.00
C GLN A 87 34.88 1.59 19.67
N GLU A 88 35.09 0.77 20.70
CA GLU A 88 35.31 -0.67 20.58
C GLU A 88 34.16 -1.43 19.89
N VAL A 89 32.91 -1.13 20.24
CA VAL A 89 31.72 -1.72 19.56
C VAL A 89 31.71 -1.28 18.09
N GLU A 90 32.00 0.01 17.85
CA GLU A 90 32.04 0.53 16.45
C GLU A 90 33.10 -0.14 15.64
N VAL A 91 34.24 -0.49 16.20
CA VAL A 91 35.17 -1.19 15.35
C VAL A 91 34.66 -2.62 14.98
N ILE A 92 33.74 -3.17 15.76
N ILE A 92 33.74 -3.15 15.77
CA ILE A 92 33.29 -4.55 15.49
CA ILE A 92 33.26 -4.53 15.58
C ILE A 92 32.05 -4.54 14.60
C ILE A 92 32.03 -4.57 14.66
N LEU A 93 31.11 -3.67 14.94
CA LEU A 93 29.82 -3.67 14.27
C LEU A 93 29.66 -2.59 13.15
N GLY A 94 30.55 -1.59 13.10
CA GLY A 94 30.30 -0.38 12.25
C GLY A 94 29.64 0.77 13.02
N SER A 95 29.22 1.82 12.32
CA SER A 95 28.72 3.03 12.97
C SER A 95 27.93 3.83 11.98
N SER A 96 27.16 4.79 12.49
CA SER A 96 26.43 5.63 11.56
C SER A 96 27.31 6.73 10.92
N LYS A 97 28.61 6.81 11.18
N LYS A 97 28.62 6.71 11.24
CA LYS A 97 29.39 7.95 10.62
CA LYS A 97 29.62 7.77 10.92
C LYS A 97 30.48 7.49 9.62
C LYS A 97 30.49 7.49 9.69
N ARG A 98 30.27 6.32 9.01
N ARG A 98 30.41 6.29 9.13
CA ARG A 98 31.25 5.66 8.15
CA ARG A 98 31.27 5.96 8.02
C ARG A 98 30.50 4.99 7.01
C ARG A 98 30.43 5.23 6.95
N ILE A 99 30.97 5.11 5.76
CA ILE A 99 30.34 4.39 4.66
C ILE A 99 30.51 2.88 4.94
N ILE A 100 29.42 2.16 4.82
CA ILE A 100 29.43 0.72 5.04
C ILE A 100 29.19 0.04 3.69
N GLU A 101 30.01 -0.93 3.33
CA GLU A 101 29.82 -1.67 2.04
C GLU A 101 28.98 -2.92 2.34
N PRO A 102 27.81 -3.07 1.69
CA PRO A 102 26.91 -4.20 1.97
C PRO A 102 27.45 -5.50 1.38
N VAL A 103 27.18 -6.60 2.10
CA VAL A 103 27.32 -7.93 1.53
C VAL A 103 26.19 -8.24 0.54
N ALA A 104 26.23 -9.43 -0.06
CA ALA A 104 25.42 -9.65 -1.28
C ALA A 104 23.92 -9.53 -1.04
N GLY A 105 23.42 -10.13 0.03
CA GLY A 105 21.98 -10.13 0.19
C GLY A 105 21.36 -8.76 0.48
N VAL A 106 22.10 -7.87 1.10
CA VAL A 106 21.64 -6.54 1.39
C VAL A 106 21.54 -5.72 0.04
N THR A 107 22.56 -5.83 -0.80
CA THR A 107 22.58 -5.09 -2.10
C THR A 107 21.44 -5.67 -2.90
N ALA A 108 21.28 -7.01 -2.91
CA ALA A 108 20.19 -7.59 -3.71
C ALA A 108 18.84 -7.10 -3.20
N ASN A 109 18.62 -7.07 -1.86
CA ASN A 109 17.33 -6.52 -1.37
C ASN A 109 17.14 -5.05 -1.77
N THR A 110 18.19 -4.24 -1.63
CA THR A 110 18.01 -2.82 -1.84
C THR A 110 17.71 -2.57 -3.34
N ILE A 111 18.32 -3.36 -4.20
CA ILE A 111 18.11 -3.14 -5.66
C ILE A 111 16.68 -3.57 -6.01
N MET A 112 16.19 -4.68 -5.43
CA MET A 112 14.78 -4.96 -5.65
C MET A 112 13.86 -3.79 -5.26
N LYS A 113 14.15 -3.18 -4.14
CA LYS A 113 13.38 -2.03 -3.72
C LYS A 113 13.47 -0.81 -4.69
N LEU A 114 14.68 -0.54 -5.16
CA LEU A 114 14.80 0.54 -6.16
C LEU A 114 13.86 0.35 -7.35
N PHE A 115 13.77 -0.88 -7.88
CA PHE A 115 12.97 -1.22 -9.07
C PHE A 115 11.46 -1.21 -8.75
N LEU A 116 11.10 -1.72 -7.57
CA LEU A 116 9.72 -2.17 -7.30
C LEU A 116 8.96 -1.30 -6.28
N ASP A 117 9.66 -0.65 -5.37
CA ASP A 117 8.96 0.04 -4.30
C ASP A 117 8.20 1.27 -4.77
N ASN A 118 7.06 1.50 -4.12
CA ASN A 118 6.35 2.75 -4.41
C ASN A 118 5.40 2.97 -3.19
N ASP A 119 4.43 3.88 -3.30
CA ASP A 119 3.49 4.12 -2.20
C ASP A 119 2.59 2.97 -1.76
N ILE A 120 2.43 1.96 -2.58
CA ILE A 120 1.66 0.80 -2.17
C ILE A 120 2.42 -0.50 -2.19
N PHE A 121 3.72 -0.51 -2.49
CA PHE A 121 4.46 -1.76 -2.43
C PHE A 121 5.82 -1.53 -1.79
N SER A 122 6.24 -2.46 -0.92
CA SER A 122 7.52 -2.38 -0.27
C SER A 122 8.13 -3.81 -0.36
N TYR A 123 9.19 -4.01 -1.15
CA TYR A 123 9.70 -5.36 -1.40
C TYR A 123 10.31 -5.84 -0.06
N SER A 124 10.02 -7.09 0.28
CA SER A 124 10.73 -7.78 1.38
C SER A 124 10.92 -9.22 0.95
N PHE A 125 12.12 -9.74 1.17
CA PHE A 125 12.49 -11.11 0.83
C PHE A 125 11.45 -12.12 1.41
N GLU A 126 11.13 -11.92 2.67
CA GLU A 126 10.30 -12.94 3.37
C GLU A 126 8.90 -13.01 2.82
N LYS A 127 8.39 -11.89 2.33
CA LYS A 127 7.07 -11.95 1.70
C LYS A 127 7.09 -12.48 0.24
N GLY A 128 8.20 -12.44 -0.48
CA GLY A 128 8.16 -12.76 -1.92
C GLY A 128 7.93 -14.25 -2.19
N GLN A 129 7.25 -14.57 -3.28
CA GLN A 129 7.00 -15.98 -3.71
C GLN A 129 8.23 -16.49 -4.46
N SER A 130 8.81 -17.58 -3.98
CA SER A 130 9.98 -18.16 -4.58
C SER A 130 9.49 -19.12 -5.67
N LEU A 131 10.27 -19.27 -6.77
CA LEU A 131 9.99 -20.21 -7.84
C LEU A 131 10.96 -21.34 -7.79
N SER A 132 10.54 -22.52 -8.25
CA SER A 132 11.49 -23.62 -8.41
C SER A 132 12.28 -23.32 -9.68
N LEU A 133 13.42 -23.98 -9.83
CA LEU A 133 14.17 -23.86 -11.09
C LEU A 133 13.30 -24.16 -12.31
N SER A 134 12.57 -25.30 -12.32
CA SER A 134 11.61 -25.59 -13.42
C SER A 134 10.68 -24.43 -13.70
N GLN A 135 10.05 -23.88 -12.67
CA GLN A 135 9.12 -22.79 -12.91
C GLN A 135 9.86 -21.59 -13.49
N LEU A 136 11.08 -21.36 -13.02
CA LEU A 136 11.75 -20.14 -13.45
C LEU A 136 12.14 -20.31 -14.95
N GLN A 137 12.77 -21.43 -15.28
CA GLN A 137 13.07 -21.73 -16.69
C GLN A 137 11.88 -21.56 -17.60
N GLU A 138 10.67 -21.92 -17.17
N GLU A 138 10.73 -22.08 -17.17
CA GLU A 138 9.52 -21.66 -18.08
CA GLU A 138 9.55 -22.02 -18.03
C GLU A 138 9.18 -20.19 -18.28
C GLU A 138 9.04 -20.56 -18.16
N ARG A 139 9.09 -19.46 -17.17
N ARG A 139 9.25 -19.73 -17.11
CA ARG A 139 8.79 -18.03 -17.19
CA ARG A 139 8.87 -18.31 -17.14
C ARG A 139 9.82 -17.29 -18.03
C ARG A 139 9.79 -17.45 -18.04
N LEU A 140 11.09 -17.64 -17.84
CA LEU A 140 12.17 -16.97 -18.55
C LEU A 140 12.17 -17.25 -20.05
N ALA A 141 12.11 -18.52 -20.44
CA ALA A 141 11.87 -18.87 -21.86
C ALA A 141 10.60 -18.24 -22.47
N SER A 142 9.65 -17.74 -21.68
CA SER A 142 8.46 -17.15 -22.29
C SER A 142 8.14 -15.67 -21.96
N LEU A 143 9.16 -14.85 -21.65
CA LEU A 143 8.92 -13.44 -21.25
C LEU A 143 8.43 -12.62 -22.44
N PRO A 144 7.40 -11.79 -22.24
CA PRO A 144 6.94 -10.87 -23.28
C PRO A 144 8.06 -9.87 -23.57
N ALA A 145 8.22 -9.51 -24.84
CA ALA A 145 9.33 -8.68 -25.28
C ALA A 145 9.22 -7.23 -24.82
N HIS A 146 7.98 -6.75 -24.68
CA HIS A 146 7.71 -5.33 -24.40
C HIS A 146 7.71 -4.98 -22.88
N LYS A 147 7.88 -6.00 -22.03
CA LYS A 147 7.82 -5.84 -20.55
C LYS A 147 9.24 -5.98 -19.91
N ASN A 148 9.49 -5.24 -18.83
CA ASN A 148 10.77 -5.40 -18.04
C ASN A 148 10.55 -6.35 -16.87
N PHE A 149 11.55 -7.20 -16.61
CA PHE A 149 11.55 -8.10 -15.45
C PHE A 149 12.84 -7.96 -14.66
N ILE A 150 12.76 -8.37 -13.39
CA ILE A 150 13.88 -8.35 -12.50
C ILE A 150 13.77 -9.59 -11.56
N LEU A 151 14.87 -10.30 -11.46
CA LEU A 151 14.94 -11.52 -10.70
C LEU A 151 15.90 -11.38 -9.54
N ARG A 152 15.45 -11.70 -8.32
CA ARG A 152 16.37 -11.78 -7.20
C ARG A 152 16.76 -13.24 -7.00
N VAL A 153 18.05 -13.53 -6.83
CA VAL A 153 18.51 -14.92 -6.62
C VAL A 153 19.24 -15.09 -5.33
N ASN A 154 18.90 -16.10 -4.52
CA ASN A 154 19.89 -16.63 -3.58
C ASN A 154 20.32 -17.95 -4.20
N ASP A 155 21.63 -18.14 -4.21
CA ASP A 155 22.27 -19.20 -4.96
C ASP A 155 22.93 -20.08 -3.90
N GLY A 156 22.32 -21.25 -3.63
CA GLY A 156 22.80 -22.11 -2.53
C GLY A 156 24.26 -22.51 -2.67
N GLY A 157 24.67 -22.95 -3.85
CA GLY A 157 26.06 -23.41 -3.95
C GLY A 157 27.16 -22.39 -3.83
N LEU A 158 26.85 -21.21 -4.36
CA LEU A 158 27.80 -20.08 -4.26
C LEU A 158 27.67 -19.36 -2.90
N GLY A 159 26.66 -19.66 -2.09
CA GLY A 159 26.47 -18.89 -0.80
C GLY A 159 26.34 -17.39 -1.12
N HIS A 160 25.52 -17.07 -2.10
CA HIS A 160 25.57 -15.75 -2.75
C HIS A 160 24.20 -15.27 -3.13
N ALA A 161 24.08 -13.94 -3.29
CA ALA A 161 22.85 -13.33 -3.74
C ALA A 161 23.15 -12.29 -4.85
N TYR A 162 22.18 -12.06 -5.72
CA TYR A 162 22.43 -11.17 -6.88
C TYR A 162 21.09 -10.96 -7.57
N VAL A 163 21.04 -9.94 -8.40
CA VAL A 163 19.87 -9.55 -9.06
C VAL A 163 20.19 -9.56 -10.57
N ILE A 164 19.20 -10.03 -11.34
CA ILE A 164 19.30 -10.03 -12.81
C ILE A 164 18.20 -9.21 -13.40
N ASP A 165 18.61 -8.20 -14.20
CA ASP A 165 17.73 -7.19 -14.79
C ASP A 165 17.49 -7.61 -16.27
N PHE A 166 16.22 -7.81 -16.66
CA PHE A 166 15.84 -8.17 -18.03
C PHE A 166 15.06 -7.02 -18.65
N PRO A 167 15.76 -5.97 -19.12
CA PRO A 167 14.95 -4.86 -19.68
C PRO A 167 14.15 -5.31 -20.98
N ALA A 168 12.99 -4.70 -21.21
CA ALA A 168 12.17 -4.90 -22.44
C ALA A 168 13.05 -4.75 -23.67
N THR A 169 12.86 -5.63 -24.63
CA THR A 169 13.65 -5.53 -25.82
C THR A 169 12.87 -5.77 -27.11
N THR A 170 13.34 -5.05 -28.14
CA THR A 170 12.86 -5.12 -29.52
C THR A 170 13.55 -6.31 -30.22
N ASN A 171 14.85 -6.49 -29.93
CA ASN A 171 15.71 -7.40 -30.71
C ASN A 171 15.40 -8.90 -30.43
N PRO A 172 15.72 -9.80 -31.43
CA PRO A 172 15.20 -11.20 -31.36
C PRO A 172 15.32 -11.89 -29.99
N SER A 173 16.51 -11.89 -29.37
CA SER A 173 16.55 -12.35 -27.98
C SER A 173 17.23 -11.40 -26.95
N ARG A 174 16.86 -11.60 -25.67
CA ARG A 174 17.02 -10.62 -24.60
C ARG A 174 18.41 -10.64 -23.97
N ASP A 175 18.99 -9.47 -23.82
CA ASP A 175 20.18 -9.33 -23.00
C ASP A 175 19.72 -9.14 -21.54
N ALA A 176 20.51 -9.64 -20.61
CA ALA A 176 20.21 -9.37 -19.21
C ALA A 176 21.48 -8.83 -18.55
N PHE A 177 21.33 -8.19 -17.35
CA PHE A 177 22.50 -7.56 -16.67
C PHE A 177 22.51 -8.01 -15.20
N LEU A 178 23.66 -8.42 -14.71
CA LEU A 178 23.69 -8.95 -13.33
C LEU A 178 24.24 -7.85 -12.41
N TYR A 179 23.58 -7.59 -11.27
CA TYR A 179 24.06 -6.60 -10.28
C TYR A 179 24.41 -7.37 -8.97
N GLN A 180 25.47 -6.99 -8.27
CA GLN A 180 25.80 -7.69 -7.04
C GLN A 180 26.81 -6.91 -6.21
N SER A 181 26.91 -7.33 -4.94
CA SER A 181 28.18 -7.16 -4.22
C SER A 181 28.49 -8.52 -3.61
N ASP A 182 29.63 -8.71 -2.99
CA ASP A 182 29.95 -10.07 -2.42
C ASP A 182 30.94 -9.93 -1.28
N LEU A 183 30.62 -10.59 -0.15
CA LEU A 183 31.55 -10.68 0.98
C LEU A 183 32.86 -11.44 0.60
N GLY A 184 32.72 -12.47 -0.24
CA GLY A 184 33.93 -13.06 -0.93
C GLY A 184 34.46 -14.30 -0.18
N GLU A 185 33.68 -14.82 0.76
CA GLU A 185 34.05 -16.05 1.52
C GLU A 185 33.80 -17.37 0.78
N GLY A 186 33.18 -17.33 -0.40
CA GLY A 186 32.85 -18.54 -1.17
C GLY A 186 33.83 -18.76 -2.33
N VAL A 187 33.29 -19.29 -3.41
CA VAL A 187 34.01 -19.58 -4.67
C VAL A 187 34.40 -18.24 -5.30
N THR A 188 33.48 -17.28 -5.25
CA THR A 188 33.80 -15.90 -5.75
C THR A 188 34.53 -15.04 -4.72
N ARG A 189 35.23 -14.01 -5.20
CA ARG A 189 35.97 -13.18 -4.30
C ARG A 189 35.11 -11.94 -3.95
N GLU A 190 35.68 -11.17 -3.03
CA GLU A 190 35.05 -9.95 -2.51
C GLU A 190 34.89 -8.92 -3.62
N VAL A 191 33.74 -8.24 -3.68
CA VAL A 191 33.56 -7.15 -4.67
C VAL A 191 32.55 -6.14 -4.08
N ARG A 192 32.93 -4.90 -4.15
CA ARG A 192 32.10 -3.81 -3.71
C ARG A 192 31.02 -3.52 -4.74
N PHE A 193 29.83 -3.16 -4.26
CA PHE A 193 28.70 -2.86 -5.13
C PHE A 193 29.13 -1.81 -6.18
N GLU A 194 29.76 -0.72 -5.73
CA GLU A 194 30.15 0.33 -6.70
C GLU A 194 31.19 -0.16 -7.75
N ASP A 195 32.17 -0.95 -7.34
CA ASP A 195 33.20 -1.46 -8.30
C ASP A 195 32.55 -2.35 -9.31
N TRP A 196 31.64 -3.22 -8.85
CA TRP A 196 30.91 -4.02 -9.78
C TRP A 196 30.14 -3.20 -10.78
N MET A 197 29.34 -2.28 -10.26
CA MET A 197 28.49 -1.45 -11.11
C MET A 197 29.28 -0.65 -12.17
N THR A 198 30.46 -0.15 -11.81
N THR A 198 30.44 -0.13 -11.78
CA THR A 198 31.18 0.71 -12.73
CA THR A 198 31.21 0.73 -12.66
C THR A 198 32.16 -0.06 -13.59
C THR A 198 31.90 -0.13 -13.71
N GLN A 199 32.33 -1.37 -13.37
N GLN A 199 32.34 -1.32 -13.29
CA GLN A 199 33.26 -2.13 -14.26
CA GLN A 199 33.28 -2.09 -14.13
C GLN A 199 32.55 -3.11 -15.19
C GLN A 199 32.72 -3.19 -15.01
N LYS A 200 31.59 -3.84 -14.65
CA LYS A 200 31.15 -5.04 -15.31
C LYS A 200 29.62 -5.23 -15.35
N ALA A 201 28.86 -4.48 -14.54
CA ALA A 201 27.40 -4.67 -14.59
C ALA A 201 26.78 -4.44 -15.99
N SER A 202 27.30 -3.50 -16.80
N SER A 202 27.35 -3.51 -16.77
CA SER A 202 26.71 -3.29 -18.14
CA SER A 202 26.81 -3.24 -18.10
C SER A 202 27.11 -4.32 -19.20
C SER A 202 26.97 -4.39 -19.11
N HIS A 203 27.83 -5.36 -18.82
CA HIS A 203 28.12 -6.43 -19.80
C HIS A 203 26.89 -7.36 -19.94
N PRO A 204 26.34 -7.48 -21.14
CA PRO A 204 25.10 -8.27 -21.22
C PRO A 204 25.34 -9.79 -21.19
N ILE A 205 24.35 -10.53 -20.64
CA ILE A 205 24.45 -11.97 -20.56
C ILE A 205 23.15 -12.46 -21.16
N SER A 206 23.19 -13.67 -21.75
CA SER A 206 21.99 -14.15 -22.48
C SER A 206 21.20 -15.08 -21.53
N LEU A 207 19.94 -15.38 -21.85
CA LEU A 207 19.20 -16.41 -21.08
C LEU A 207 19.97 -17.71 -21.00
N ASP A 208 20.62 -18.07 -22.10
CA ASP A 208 21.53 -19.22 -22.19
C ASP A 208 22.65 -19.23 -21.15
N ASP A 209 23.41 -18.13 -21.06
CA ASP A 209 24.41 -17.95 -20.01
C ASP A 209 23.83 -18.17 -18.59
N ILE A 210 22.69 -17.60 -18.31
CA ILE A 210 22.08 -17.69 -16.98
C ILE A 210 21.64 -19.12 -16.75
N ASN A 211 20.83 -19.64 -17.68
CA ASN A 211 20.39 -21.02 -17.56
C ASN A 211 21.53 -21.97 -17.40
N THR A 212 22.60 -21.73 -18.16
CA THR A 212 23.77 -22.56 -18.04
C THR A 212 24.32 -22.54 -16.64
N HIS A 213 24.35 -21.36 -15.99
CA HIS A 213 24.86 -21.32 -14.62
C HIS A 213 23.95 -22.14 -13.68
N PHE A 214 22.64 -21.95 -13.77
CA PHE A 214 21.79 -22.58 -12.74
C PHE A 214 21.85 -24.11 -12.86
N ILE A 215 21.91 -24.60 -14.10
CA ILE A 215 21.98 -26.06 -14.36
C ILE A 215 23.36 -26.60 -14.04
N GLY A 216 24.35 -25.89 -14.54
CA GLY A 216 25.72 -26.33 -14.48
C GLY A 216 26.25 -26.41 -13.08
N ILE A 217 25.82 -25.52 -12.19
CA ILE A 217 26.39 -25.43 -10.85
C ILE A 217 26.11 -26.72 -10.04
N ALA A 218 25.03 -27.41 -10.40
CA ALA A 218 24.70 -28.70 -9.77
C ALA A 218 25.35 -29.91 -10.48
N GLN A 219 25.98 -29.69 -11.64
CA GLN A 219 26.56 -30.84 -12.33
C GLN A 219 27.83 -31.35 -11.65
N ASP A 220 28.21 -32.54 -12.11
CA ASP A 220 29.42 -33.25 -11.63
C ASP A 220 30.64 -32.36 -11.72
N GLN A 221 30.82 -31.78 -12.91
N GLN A 221 30.84 -31.72 -12.87
CA GLN A 221 31.79 -30.75 -13.14
CA GLN A 221 31.94 -30.77 -13.01
C GLN A 221 31.06 -29.42 -13.18
C GLN A 221 31.44 -29.37 -13.42
N ILE A 222 31.63 -28.42 -12.51
CA ILE A 222 31.22 -27.04 -12.70
C ILE A 222 32.24 -26.33 -13.62
N ASP A 223 31.79 -25.33 -14.34
CA ASP A 223 32.62 -24.68 -15.30
C ASP A 223 33.04 -23.36 -14.65
N LEU A 224 34.29 -23.32 -14.18
CA LEU A 224 34.82 -22.18 -13.44
C LEU A 224 35.00 -20.99 -14.36
N ALA A 225 35.17 -21.25 -15.64
CA ALA A 225 35.29 -20.18 -16.61
C ALA A 225 34.00 -19.41 -16.67
N HIS A 226 32.86 -20.12 -16.69
CA HIS A 226 31.55 -19.52 -16.82
C HIS A 226 31.22 -18.72 -15.55
N ILE A 227 31.57 -19.31 -14.40
CA ILE A 227 31.49 -18.54 -13.12
C ILE A 227 32.31 -17.24 -13.17
N ALA A 228 33.56 -17.30 -13.66
CA ALA A 228 34.35 -16.09 -13.76
C ALA A 228 33.70 -15.06 -14.75
N LYS A 229 33.14 -15.55 -15.84
CA LYS A 229 32.55 -14.67 -16.80
C LYS A 229 31.34 -13.92 -16.20
N LEU A 230 30.52 -14.64 -15.44
CA LEU A 230 29.29 -14.03 -14.90
C LEU A 230 29.57 -13.12 -13.66
N PHE A 231 30.49 -13.58 -12.83
CA PHE A 231 30.61 -13.09 -11.46
C PHE A 231 31.86 -12.40 -11.12
N ASP A 232 32.96 -12.66 -11.84
CA ASP A 232 34.16 -12.05 -11.41
C ASP A 232 34.36 -10.70 -12.09
N VAL A 233 34.77 -9.69 -11.34
CA VAL A 233 34.84 -8.31 -11.89
C VAL A 233 35.91 -8.17 -13.01
N ASP A 234 36.98 -8.98 -12.97
CA ASP A 234 37.97 -9.09 -14.10
C ASP A 234 37.82 -10.31 -15.00
N GLY A 235 36.75 -11.08 -14.81
CA GLY A 235 36.54 -12.35 -15.53
C GLY A 235 37.74 -13.26 -15.23
N ASN A 236 38.32 -13.16 -14.04
CA ASN A 236 39.58 -13.86 -13.79
C ASN A 236 39.40 -15.20 -13.06
N VAL A 237 39.36 -16.31 -13.78
CA VAL A 237 39.14 -17.61 -13.13
C VAL A 237 40.13 -17.90 -11.99
N LYS A 238 41.35 -17.36 -12.04
CA LYS A 238 42.34 -17.62 -11.00
C LYS A 238 41.99 -17.01 -9.62
N MET A 239 40.97 -16.16 -9.58
CA MET A 239 40.61 -15.50 -8.34
C MET A 239 39.60 -16.34 -7.65
N LEU A 240 39.06 -17.34 -8.35
CA LEU A 240 38.01 -18.15 -7.76
C LEU A 240 38.58 -19.27 -6.88
N ARG A 241 37.75 -19.82 -5.97
CA ARG A 241 38.13 -20.97 -5.12
C ARG A 241 37.12 -22.09 -5.24
N ALA A 242 37.35 -23.00 -6.20
CA ALA A 242 36.37 -24.05 -6.46
C ALA A 242 36.14 -24.91 -5.24
N ASP A 243 37.10 -24.95 -4.32
CA ASP A 243 36.97 -25.78 -3.15
C ASP A 243 35.99 -25.18 -2.12
N HIS A 244 35.50 -23.94 -2.36
CA HIS A 244 34.49 -23.31 -1.46
C HIS A 244 33.07 -23.46 -1.92
N LEU A 245 32.83 -24.24 -2.97
CA LEU A 245 31.52 -24.51 -3.40
C LEU A 245 30.81 -25.26 -2.26
N ILE A 246 29.55 -24.94 -2.03
CA ILE A 246 28.79 -25.57 -0.95
C ILE A 246 28.00 -26.70 -1.63
N SER A 247 28.63 -27.89 -1.66
CA SER A 247 28.24 -28.96 -2.59
C SER A 247 26.79 -29.45 -2.46
N HIS A 248 26.36 -29.59 -1.20
CA HIS A 248 25.02 -30.07 -0.88
C HIS A 248 23.90 -29.04 -1.12
N LYS A 249 24.27 -27.83 -1.56
CA LYS A 249 23.25 -26.78 -1.73
C LYS A 249 23.14 -26.30 -3.16
N THR A 250 23.95 -26.94 -4.02
CA THR A 250 24.10 -26.53 -5.42
C THR A 250 22.79 -26.51 -6.17
N SER A 251 21.76 -27.20 -5.66
CA SER A 251 20.45 -27.10 -6.31
C SER A 251 19.39 -26.38 -5.48
N GLU A 252 19.84 -25.72 -4.42
CA GLU A 252 18.96 -24.93 -3.60
C GLU A 252 19.08 -23.45 -4.06
N PHE A 253 18.01 -22.88 -4.56
CA PHE A 253 18.02 -21.47 -4.92
C PHE A 253 16.81 -20.88 -4.24
N ASN A 254 16.84 -19.57 -4.05
CA ASN A 254 15.60 -18.81 -3.94
C ASN A 254 15.49 -17.89 -5.16
N PHE A 255 14.41 -18.02 -5.94
CA PHE A 255 14.21 -17.26 -7.17
C PHE A 255 12.95 -16.44 -7.06
N GLN A 256 13.07 -15.12 -7.10
CA GLN A 256 11.95 -14.21 -7.00
C GLN A 256 11.93 -13.33 -8.23
N LEU A 257 10.87 -13.48 -9.05
CA LEU A 257 10.82 -12.80 -10.37
C LEU A 257 9.68 -11.81 -10.41
N PHE A 258 9.95 -10.57 -10.79
CA PHE A 258 8.95 -9.56 -10.85
C PHE A 258 8.96 -8.86 -12.18
N GLU A 259 7.78 -8.43 -12.58
CA GLU A 259 7.69 -7.39 -13.59
C GLU A 259 8.03 -6.04 -13.00
N TYR A 260 8.73 -5.18 -13.76
CA TYR A 260 8.87 -3.81 -13.33
C TYR A 260 8.58 -2.71 -14.33
N ASP A 261 8.27 -1.53 -13.81
N ASP A 261 8.34 -1.53 -13.76
CA ASP A 261 8.03 -0.40 -14.70
CA ASP A 261 8.08 -0.26 -14.45
C ASP A 261 9.19 0.64 -14.52
C ASP A 261 9.38 0.50 -14.46
N LEU A 262 9.87 0.88 -15.64
CA LEU A 262 11.14 1.66 -15.65
C LEU A 262 10.89 3.00 -15.00
N LYS A 263 9.71 3.58 -15.24
N LYS A 263 9.72 3.61 -15.24
CA LYS A 263 9.43 4.91 -14.67
CA LYS A 263 9.41 4.94 -14.64
C LYS A 263 9.32 4.89 -13.11
C LYS A 263 9.37 4.89 -13.08
N ASN A 264 9.06 3.74 -12.55
CA ASN A 264 9.01 3.59 -11.06
C ASN A 264 10.44 3.65 -10.50
N LEU A 265 11.36 2.95 -11.14
CA LEU A 265 12.81 3.02 -10.79
C LEU A 265 13.27 4.45 -10.91
N GLU A 266 12.93 5.07 -12.04
CA GLU A 266 13.35 6.46 -12.23
C GLU A 266 12.76 7.34 -11.18
N ASN A 267 11.49 7.10 -10.83
CA ASN A 267 10.93 7.95 -9.77
C ASN A 267 11.62 7.75 -8.40
N ASN A 268 11.95 6.49 -8.05
CA ASN A 268 12.67 6.28 -6.76
C ASN A 268 14.00 7.03 -6.76
N MET A 269 14.72 6.97 -7.89
CA MET A 269 16.04 7.63 -7.97
C MET A 269 15.85 9.15 -7.90
N SER A 270 14.82 9.70 -8.52
N SER A 270 14.78 9.60 -8.55
CA SER A 270 14.68 11.18 -8.40
CA SER A 270 14.39 11.02 -8.51
C SER A 270 14.42 11.61 -6.96
C SER A 270 14.28 11.59 -7.12
N ILE A 271 13.53 10.86 -6.28
CA ILE A 271 13.32 11.19 -4.84
C ILE A 271 14.61 11.05 -4.03
N ILE A 272 15.32 9.94 -4.21
CA ILE A 272 16.54 9.74 -3.46
C ILE A 272 17.56 10.83 -3.76
N LYS A 273 17.66 11.22 -5.03
CA LYS A 273 18.60 12.26 -5.41
C LYS A 273 18.37 13.62 -4.67
N THR A 274 17.30 13.77 -3.89
CA THR A 274 17.02 14.99 -3.05
C THR A 274 17.40 14.90 -1.51
N HIS A 275 17.87 13.75 -1.02
CA HIS A 275 18.63 13.72 0.27
C HIS A 275 20.01 14.47 0.11
N MET B 1 14.71 -23.00 22.18
CA MET B 1 15.04 -21.81 23.03
C MET B 1 15.09 -20.57 22.10
N LEU B 2 14.64 -19.43 22.62
CA LEU B 2 14.54 -18.17 21.89
C LEU B 2 15.76 -17.28 22.16
N ILE B 3 16.42 -16.91 21.07
CA ILE B 3 17.51 -15.93 21.11
C ILE B 3 17.08 -14.77 20.15
N LYS B 4 17.83 -13.70 20.22
CA LYS B 4 17.62 -12.46 19.45
C LYS B 4 18.89 -12.23 18.60
N VAL B 5 18.71 -11.97 17.30
CA VAL B 5 19.83 -11.59 16.46
C VAL B 5 19.53 -10.10 16.17
N LYS B 6 20.46 -9.19 16.50
CA LYS B 6 20.20 -7.75 16.37
C LYS B 6 20.98 -7.25 15.19
N THR B 7 20.35 -6.43 14.35
CA THR B 7 21.11 -5.86 13.20
C THR B 7 21.77 -4.57 13.66
N LEU B 8 22.53 -3.94 12.76
CA LEU B 8 23.14 -2.68 13.09
C LEU B 8 22.18 -1.55 13.51
N THR B 9 20.98 -1.56 12.98
CA THR B 9 19.96 -0.59 13.31
C THR B 9 19.21 -0.95 14.62
N GLY B 10 19.65 -2.02 15.30
CA GLY B 10 18.97 -2.57 16.53
C GLY B 10 17.69 -3.35 16.24
N LYS B 11 17.44 -3.69 14.98
CA LYS B 11 16.23 -4.46 14.68
C LYS B 11 16.44 -5.89 15.24
N GLU B 12 15.40 -6.45 15.87
CA GLU B 12 15.57 -7.68 16.63
C GLU B 12 14.89 -8.77 15.88
N ILE B 13 15.61 -9.82 15.57
CA ILE B 13 15.03 -10.93 14.85
C ILE B 13 15.01 -12.14 15.85
N GLU B 14 13.83 -12.58 16.26
N GLU B 14 13.81 -12.66 16.14
CA GLU B 14 13.74 -13.67 17.20
CA GLU B 14 13.62 -13.82 17.03
C GLU B 14 14.05 -14.96 16.46
C GLU B 14 13.84 -15.18 16.36
N ILE B 15 14.71 -15.86 17.15
N ILE B 15 14.84 -15.90 16.87
CA ILE B 15 15.04 -17.12 16.49
CA ILE B 15 15.26 -17.20 16.30
C ILE B 15 14.93 -18.24 17.50
C ILE B 15 15.08 -18.28 17.37
N ASP B 16 14.31 -19.33 17.05
CA ASP B 16 14.05 -20.47 17.91
C ASP B 16 15.07 -21.50 17.52
N ILE B 17 15.92 -21.89 18.47
CA ILE B 17 16.85 -23.02 18.21
C ILE B 17 17.06 -23.99 19.38
N GLU B 18 17.88 -25.03 19.12
CA GLU B 18 18.25 -26.08 20.12
C GLU B 18 19.75 -26.01 20.40
N PRO B 19 20.20 -26.39 21.63
CA PRO B 19 21.61 -26.36 21.99
C PRO B 19 22.50 -27.15 21.05
N THR B 20 21.96 -28.20 20.45
CA THR B 20 22.81 -28.99 19.55
C THR B 20 22.72 -28.48 18.10
N ASP B 21 21.86 -27.49 17.83
CA ASP B 21 21.93 -26.79 16.50
C ASP B 21 23.27 -26.13 16.21
N LYS B 22 23.80 -26.46 15.03
CA LYS B 22 24.90 -25.74 14.44
C LYS B 22 24.58 -24.24 14.31
N VAL B 23 25.60 -23.41 14.46
CA VAL B 23 25.45 -21.96 14.25
C VAL B 23 24.92 -21.69 12.83
N GLU B 24 25.38 -22.48 11.84
CA GLU B 24 24.77 -22.49 10.49
C GLU B 24 23.20 -22.49 10.49
N ARG B 25 22.52 -23.22 11.41
CA ARG B 25 21.02 -23.23 11.44
C ARG B 25 20.45 -21.88 11.83
N ILE B 26 21.14 -21.20 12.75
CA ILE B 26 20.73 -19.86 13.13
C ILE B 26 20.80 -18.97 11.80
N LYS B 27 21.89 -19.05 11.07
N LYS B 27 21.89 -19.02 11.07
CA LYS B 27 22.09 -18.34 9.78
CA LYS B 27 21.98 -18.26 9.80
C LYS B 27 21.03 -18.65 8.72
C LYS B 27 20.84 -18.62 8.83
N GLU B 28 20.60 -19.92 8.65
CA GLU B 28 19.45 -20.33 7.82
C GLU B 28 18.15 -19.66 8.21
N ARG B 29 17.83 -19.59 9.50
N ARG B 29 17.86 -19.59 9.51
CA ARG B 29 16.59 -18.92 9.89
CA ARG B 29 16.66 -18.90 10.01
C ARG B 29 16.69 -17.37 9.72
C ARG B 29 16.71 -17.39 9.66
N VAL B 30 17.87 -16.79 9.86
CA VAL B 30 18.07 -15.37 9.51
C VAL B 30 17.85 -15.19 7.99
N GLU B 31 18.37 -16.10 7.19
CA GLU B 31 18.08 -16.02 5.72
C GLU B 31 16.60 -16.04 5.36
N GLU B 32 15.82 -16.86 6.06
CA GLU B 32 14.39 -16.89 5.81
C GLU B 32 13.75 -15.56 6.11
N LYS B 33 14.24 -14.83 7.13
CA LYS B 33 13.65 -13.57 7.50
C LYS B 33 14.16 -12.37 6.69
N GLU B 34 15.43 -12.39 6.35
CA GLU B 34 16.11 -11.20 5.82
C GLU B 34 16.58 -11.34 4.42
N GLY B 35 16.73 -12.59 3.96
CA GLY B 35 17.24 -12.81 2.57
C GLY B 35 18.75 -12.93 2.41
N ILE B 36 19.53 -12.87 3.50
CA ILE B 36 20.99 -12.94 3.40
C ILE B 36 21.46 -14.41 3.40
N PRO B 37 22.18 -14.86 2.31
CA PRO B 37 22.74 -16.21 2.32
C PRO B 37 23.55 -16.37 3.58
N PRO B 38 23.54 -17.58 4.20
CA PRO B 38 24.35 -17.69 5.39
C PRO B 38 25.81 -17.35 5.19
N GLN B 39 26.38 -17.66 4.03
CA GLN B 39 27.82 -17.39 3.85
C GLN B 39 28.20 -15.89 3.67
N GLN B 40 27.17 -15.07 3.48
CA GLN B 40 27.31 -13.59 3.41
C GLN B 40 27.04 -12.96 4.78
N GLN B 41 26.66 -13.75 5.78
CA GLN B 41 26.35 -13.18 7.12
C GLN B 41 27.57 -13.35 8.03
N ARG B 42 27.77 -12.43 8.95
CA ARG B 42 28.77 -12.68 9.98
C ARG B 42 28.02 -12.49 11.29
N LEU B 43 28.09 -13.47 12.19
CA LEU B 43 27.39 -13.37 13.46
C LEU B 43 28.43 -13.17 14.58
N ILE B 44 28.18 -12.20 15.45
CA ILE B 44 29.12 -11.81 16.49
C ILE B 44 28.45 -12.17 17.78
N TYR B 45 29.19 -12.84 18.68
CA TYR B 45 28.61 -13.21 19.99
C TYR B 45 29.57 -12.74 21.06
N SER B 46 29.14 -11.61 21.68
CA SER B 46 29.89 -10.77 22.63
C SER B 46 31.33 -10.55 22.15
N GLY B 47 31.49 -9.65 21.18
CA GLY B 47 32.79 -9.42 20.62
C GLY B 47 33.46 -10.48 19.73
N LYS B 48 32.98 -11.75 19.73
CA LYS B 48 33.65 -12.85 18.97
C LYS B 48 32.92 -13.35 17.73
N GLN B 49 33.68 -13.59 16.66
CA GLN B 49 33.15 -14.31 15.52
C GLN B 49 32.97 -15.80 15.88
N MET B 50 32.10 -16.49 15.15
CA MET B 50 31.80 -17.91 15.43
C MET B 50 32.01 -18.78 14.23
N ASN B 51 32.40 -20.02 14.48
CA ASN B 51 32.47 -21.03 13.46
C ASN B 51 31.07 -21.66 13.20
N ASP B 52 30.57 -21.48 11.98
CA ASP B 52 29.25 -21.99 11.65
C ASP B 52 29.09 -23.49 11.87
N GLU B 53 30.18 -24.22 11.90
CA GLU B 53 29.98 -25.66 12.01
C GLU B 53 29.92 -26.11 13.48
N LYS B 54 30.23 -25.21 14.41
CA LYS B 54 30.03 -25.48 15.86
C LYS B 54 28.60 -25.28 16.31
N THR B 55 28.25 -25.67 17.53
CA THR B 55 26.83 -25.67 17.90
C THR B 55 26.58 -24.49 18.81
N ALA B 56 25.30 -24.15 19.01
CA ALA B 56 24.91 -23.18 20.03
C ALA B 56 25.47 -23.50 21.41
N ALA B 57 25.44 -24.80 21.78
CA ALA B 57 26.06 -25.24 23.05
C ALA B 57 27.55 -24.96 23.12
N ASP B 58 28.31 -25.25 22.04
CA ASP B 58 29.76 -24.97 22.02
C ASP B 58 29.99 -23.55 22.38
N TYR B 59 29.11 -22.67 21.91
CA TYR B 59 29.41 -21.23 22.13
C TYR B 59 28.69 -20.65 23.32
N LYS B 60 27.88 -21.48 24.01
CA LYS B 60 27.12 -21.04 25.18
C LYS B 60 26.09 -19.98 24.77
N ILE B 61 25.43 -20.23 23.63
CA ILE B 61 24.27 -19.47 23.24
C ILE B 61 23.08 -20.11 23.95
N LEU B 62 22.44 -19.35 24.85
CA LEU B 62 21.37 -19.85 25.72
C LEU B 62 20.12 -19.11 25.44
N GLY B 63 19.01 -19.53 26.06
CA GLY B 63 17.76 -18.74 25.99
C GLY B 63 17.97 -17.28 26.39
N GLY B 64 17.58 -16.34 25.53
CA GLY B 64 17.78 -14.90 25.83
C GLY B 64 19.12 -14.30 25.45
N SER B 65 20.00 -15.13 24.93
CA SER B 65 21.29 -14.64 24.36
C SER B 65 20.98 -13.69 23.18
N VAL B 66 21.87 -12.76 22.95
N VAL B 66 21.90 -12.76 23.00
CA VAL B 66 21.68 -11.82 21.85
CA VAL B 66 21.82 -11.77 21.93
C VAL B 66 22.93 -11.88 21.03
C VAL B 66 23.01 -11.97 21.03
N LEU B 67 22.75 -12.12 19.74
CA LEU B 67 23.81 -12.21 18.81
C LEU B 67 23.76 -10.94 17.91
N HIS B 68 24.88 -10.54 17.32
CA HIS B 68 24.81 -9.36 16.44
C HIS B 68 25.07 -9.76 14.97
N LEU B 69 24.23 -9.30 14.05
CA LEU B 69 24.39 -9.73 12.67
C LEU B 69 25.15 -8.59 11.93
N VAL B 70 26.37 -8.89 11.48
CA VAL B 70 27.20 -7.92 10.71
C VAL B 70 27.07 -8.23 9.21
N LEU B 71 26.73 -7.20 8.40
CA LEU B 71 26.33 -7.40 7.01
C LEU B 71 27.15 -6.42 6.11
N ALA B 72 28.37 -6.18 6.53
CA ALA B 72 29.33 -5.34 5.82
C ALA B 72 30.47 -6.17 5.33
N LEU B 73 31.11 -5.72 4.25
CA LEU B 73 32.39 -6.36 3.82
C LEU B 73 33.40 -6.23 4.93
N ARG B 74 34.32 -7.18 4.95
CA ARG B 74 35.55 -7.02 5.77
C ARG B 74 36.35 -5.89 5.12
N ASN C 27 -2.37 21.31 5.58
CA ASN C 27 -3.27 20.93 4.50
C ASN C 27 -4.59 21.71 4.59
N PRO C 28 -4.54 22.87 3.92
CA PRO C 28 -5.85 23.53 4.13
C PRO C 28 -7.07 22.79 3.53
N SER C 29 -6.93 21.83 2.63
CA SER C 29 -8.15 21.15 2.12
C SER C 29 -8.91 20.47 3.26
N ILE C 30 -8.21 19.87 4.25
CA ILE C 30 -8.86 19.30 5.46
C ILE C 30 -9.69 20.38 6.18
N GLN C 31 -9.10 21.53 6.34
CA GLN C 31 -9.76 22.58 7.08
C GLN C 31 -11.03 23.09 6.39
N HIS C 32 -11.03 23.15 5.04
CA HIS C 32 -12.22 23.53 4.27
C HIS C 32 -13.36 22.55 4.48
N VAL C 33 -13.06 21.27 4.40
CA VAL C 33 -14.06 20.21 4.66
C VAL C 33 -14.58 20.29 6.12
N GLN C 34 -13.67 20.47 7.08
CA GLN C 34 -14.10 20.60 8.50
C GLN C 34 -15.03 21.81 8.66
N ASP C 35 -14.68 22.94 8.02
CA ASP C 35 -15.53 24.19 8.08
C ASP C 35 -16.93 23.92 7.52
N PHE C 36 -16.95 23.16 6.42
CA PHE C 36 -18.20 22.77 5.80
C PHE C 36 -19.03 21.91 6.73
N ALA C 37 -18.38 20.89 7.32
CA ALA C 37 -19.11 19.99 8.27
C ALA C 37 -19.69 20.82 9.42
N THR C 38 -18.92 21.77 9.96
N THR C 38 -18.89 21.76 9.92
CA THR C 38 -19.43 22.44 11.14
CA THR C 38 -19.28 22.52 11.09
C THR C 38 -20.48 23.49 10.79
C THR C 38 -20.48 23.40 10.73
N LEU C 39 -20.35 24.10 9.60
CA LEU C 39 -21.35 25.05 9.18
C LEU C 39 -22.66 24.30 8.90
N SER C 40 -22.57 23.18 8.18
CA SER C 40 -23.75 22.40 7.80
C SER C 40 -24.44 21.70 8.99
N ALA C 41 -23.79 21.65 10.17
CA ALA C 41 -24.42 21.12 11.36
C ALA C 41 -25.27 22.15 12.11
N ARG C 42 -25.17 23.42 11.72
N ARG C 42 -25.14 23.41 11.71
CA ARG C 42 -25.86 24.49 12.48
CA ARG C 42 -25.69 24.53 12.49
C ARG C 42 -26.80 25.36 11.64
C ARG C 42 -26.44 25.60 11.67
N SER C 43 -26.52 25.41 10.36
CA SER C 43 -27.24 26.29 9.47
C SER C 43 -28.14 25.40 8.62
N LEU C 44 -29.44 25.62 8.64
CA LEU C 44 -30.31 24.86 7.79
C LEU C 44 -29.98 25.07 6.32
N ARG C 45 -29.63 26.30 5.98
CA ARG C 45 -29.29 26.57 4.53
C ARG C 45 -28.02 25.82 4.08
N ALA C 46 -26.97 25.80 4.89
CA ALA C 46 -25.77 24.91 4.58
C ALA C 46 -26.12 23.42 4.61
N ASN C 47 -27.04 23.03 5.52
CA ASN C 47 -27.36 21.63 5.68
C ASN C 47 -28.11 21.15 4.45
N VAL C 48 -28.93 22.02 3.87
CA VAL C 48 -29.68 21.64 2.66
C VAL C 48 -28.74 21.46 1.47
N LEU C 49 -27.63 22.17 1.48
CA LEU C 49 -26.58 22.01 0.45
C LEU C 49 -25.83 20.71 0.65
N LEU C 50 -25.54 20.42 1.91
CA LEU C 50 -24.86 19.15 2.25
C LEU C 50 -25.72 17.98 1.77
N ASN C 51 -27.03 18.06 1.97
CA ASN C 51 -27.87 16.90 1.61
C ASN C 51 -28.49 17.03 0.17
N SER C 52 -28.04 17.98 -0.62
CA SER C 52 -28.71 18.22 -1.91
C SER C 52 -28.44 17.11 -2.88
N ASP C 53 -29.39 16.90 -3.78
CA ASP C 53 -29.24 15.87 -4.79
C ASP C 53 -29.63 16.35 -6.16
N ASP C 54 -29.76 17.66 -6.38
CA ASP C 54 -29.88 18.18 -7.77
C ASP C 54 -28.47 18.20 -8.41
N HIS C 55 -27.93 17.04 -8.76
CA HIS C 55 -26.47 16.93 -9.07
C HIS C 55 -25.97 17.68 -10.32
N SER C 56 -26.88 17.92 -11.26
CA SER C 56 -26.53 18.65 -12.49
C SER C 56 -26.28 20.12 -12.14
N VAL C 57 -26.71 20.58 -10.96
CA VAL C 57 -26.37 21.95 -10.56
C VAL C 57 -25.07 21.99 -9.73
N PRO C 58 -24.08 22.78 -10.15
CA PRO C 58 -22.86 22.84 -9.34
C PRO C 58 -23.07 23.48 -7.98
N ILE C 59 -22.27 23.07 -7.02
CA ILE C 59 -22.57 23.42 -5.65
C ILE C 59 -22.52 24.91 -5.41
N HIS C 60 -21.66 25.64 -6.13
CA HIS C 60 -21.59 27.12 -5.94
C HIS C 60 -22.82 27.81 -6.56
N ALA C 61 -23.68 27.09 -7.26
CA ALA C 61 -24.82 27.68 -7.96
C ALA C 61 -26.13 27.19 -7.34
N LYS C 62 -26.04 26.33 -6.33
CA LYS C 62 -27.28 25.80 -5.74
C LYS C 62 -28.03 26.90 -5.01
N ASN C 63 -29.34 26.77 -4.94
CA ASN C 63 -30.19 27.80 -4.30
C ASN C 63 -30.88 27.14 -3.10
N PRO C 64 -30.36 27.37 -1.88
CA PRO C 64 -30.87 26.74 -0.66
C PRO C 64 -32.40 26.99 -0.49
N SER C 65 -32.87 28.21 -0.75
CA SER C 65 -34.34 28.53 -0.66
C SER C 65 -35.11 27.64 -1.52
N GLU C 66 -34.68 27.45 -2.77
CA GLU C 66 -35.45 26.58 -3.62
C GLU C 66 -35.45 25.18 -3.12
N LEU C 67 -34.29 24.71 -2.62
CA LEU C 67 -34.25 23.34 -2.14
C LEU C 67 -35.16 23.10 -0.92
N LEU C 68 -35.12 24.00 0.01
CA LEU C 68 -35.99 23.89 1.22
C LEU C 68 -37.47 23.91 0.79
N GLU C 69 -37.84 24.76 -0.19
N GLU C 69 -37.77 24.78 -0.16
CA GLU C 69 -39.24 24.73 -0.74
CA GLU C 69 -39.12 24.88 -0.66
C GLU C 69 -39.56 23.40 -1.32
C GLU C 69 -39.55 23.59 -1.43
N ALA C 70 -38.61 22.88 -2.09
CA ALA C 70 -38.87 21.57 -2.71
C ALA C 70 -39.18 20.52 -1.68
N ILE C 71 -38.43 20.54 -0.58
CA ILE C 71 -38.70 19.59 0.46
C ILE C 71 -40.10 19.84 0.97
N ASP C 72 -40.42 21.09 1.27
CA ASP C 72 -41.79 21.35 1.77
C ASP C 72 -42.88 20.84 0.84
N ASN C 73 -42.77 21.13 -0.45
CA ASN C 73 -43.75 20.61 -1.47
C ASN C 73 -43.83 19.10 -1.46
N ASN C 74 -42.68 18.44 -1.29
CA ASN C 74 -42.66 16.99 -1.26
C ASN C 74 -43.30 16.44 0.01
N ILE C 75 -42.99 17.02 1.15
CA ILE C 75 -43.65 16.54 2.38
C ILE C 75 -45.20 16.75 2.22
N SER C 76 -45.58 17.91 1.70
CA SER C 76 -47.00 18.26 1.57
C SER C 76 -47.70 17.24 0.64
N GLN C 77 -47.06 16.97 -0.51
CA GLN C 77 -47.52 15.98 -1.47
C GLN C 77 -47.60 14.57 -0.90
N THR C 78 -46.60 14.17 -0.11
CA THR C 78 -46.54 12.83 0.41
C THR C 78 -47.59 12.68 1.53
N ALA C 79 -47.89 13.79 2.21
CA ALA C 79 -48.95 13.76 3.26
C ALA C 79 -50.28 13.29 2.62
N GLN C 80 -50.63 13.93 1.51
CA GLN C 80 -51.78 13.52 0.76
C GLN C 80 -51.68 12.00 0.38
N ASP C 81 -50.60 11.64 -0.34
CA ASP C 81 -50.43 10.31 -0.84
C ASP C 81 -50.58 9.28 0.26
N TRP C 82 -50.04 9.56 1.43
CA TRP C 82 -50.09 8.53 2.43
C TRP C 82 -51.38 8.61 3.24
N GLY C 83 -52.16 9.69 3.02
CA GLY C 83 -53.29 10.07 3.89
C GLY C 83 -52.94 10.09 5.37
N VAL C 84 -51.87 10.83 5.72
CA VAL C 84 -51.58 11.09 7.12
C VAL C 84 -51.29 12.57 7.20
N SER C 85 -51.03 13.10 8.39
CA SER C 85 -50.73 14.53 8.51
C SER C 85 -49.30 14.84 8.05
N ILE C 86 -49.06 16.11 7.75
CA ILE C 86 -47.73 16.64 7.43
C ILE C 86 -46.77 16.25 8.57
N GLN C 87 -47.21 16.44 9.83
CA GLN C 87 -46.38 16.04 10.97
C GLN C 87 -45.99 14.58 10.98
N GLU C 88 -46.90 13.68 10.64
CA GLU C 88 -46.56 12.27 10.62
C GLU C 88 -45.52 11.96 9.51
N VAL C 89 -45.68 12.60 8.36
CA VAL C 89 -44.68 12.44 7.25
C VAL C 89 -43.30 12.91 7.75
N GLU C 90 -43.25 14.12 8.28
CA GLU C 90 -42.03 14.68 8.85
C GLU C 90 -41.32 13.77 9.83
N VAL C 91 -42.05 13.12 10.74
CA VAL C 91 -41.33 12.19 11.60
C VAL C 91 -40.63 11.07 10.85
N ILE C 92 -41.22 10.60 9.77
CA ILE C 92 -40.67 9.45 9.07
C ILE C 92 -39.61 9.88 8.08
N LEU C 93 -39.79 11.04 7.45
CA LEU C 93 -38.94 11.46 6.34
C LEU C 93 -37.99 12.59 6.64
N GLY C 94 -38.25 13.37 7.68
CA GLY C 94 -37.53 14.62 7.97
C GLY C 94 -38.29 15.82 7.43
N SER C 95 -37.68 16.99 7.47
CA SER C 95 -38.38 18.23 7.11
C SER C 95 -37.32 19.23 6.72
N SER C 96 -37.78 20.36 6.21
CA SER C 96 -36.94 21.49 5.92
C SER C 96 -36.60 22.29 7.18
N LYS C 97 -37.15 21.96 8.33
N LYS C 97 -37.16 21.88 8.31
CA LYS C 97 -36.86 22.80 9.51
CA LYS C 97 -37.05 22.62 9.58
C LYS C 97 -35.97 22.08 10.54
C LYS C 97 -36.05 22.02 10.56
N ARG C 98 -35.32 20.99 10.15
CA ARG C 98 -34.37 20.36 11.04
C ARG C 98 -33.07 19.98 10.33
N ILE C 99 -31.99 19.92 11.10
CA ILE C 99 -30.67 19.49 10.60
C ILE C 99 -30.82 18.00 10.27
N ILE C 100 -30.51 17.66 9.02
CA ILE C 100 -30.54 16.31 8.53
C ILE C 100 -29.07 15.79 8.52
N GLU C 101 -28.80 14.70 9.19
CA GLU C 101 -27.42 14.12 9.19
C GLU C 101 -27.26 13.16 8.01
N PRO C 102 -26.42 13.49 7.01
CA PRO C 102 -26.33 12.59 5.84
C PRO C 102 -25.70 11.20 6.12
N VAL C 103 -26.19 10.18 5.41
CA VAL C 103 -25.56 8.89 5.38
C VAL C 103 -24.33 8.98 4.43
N ALA C 104 -23.57 7.87 4.34
CA ALA C 104 -22.20 7.89 3.85
C ALA C 104 -22.17 8.35 2.39
N GLY C 105 -23.08 7.83 1.56
CA GLY C 105 -23.03 8.18 0.12
C GLY C 105 -23.36 9.64 -0.16
N VAL C 106 -24.24 10.22 0.64
CA VAL C 106 -24.59 11.64 0.46
C VAL C 106 -23.39 12.53 0.79
N THR C 107 -22.73 12.23 1.89
CA THR C 107 -21.53 12.95 2.34
C THR C 107 -20.48 12.83 1.22
N ALA C 108 -20.24 11.62 0.71
CA ALA C 108 -19.13 11.40 -0.27
C ALA C 108 -19.47 12.21 -1.57
N ASN C 109 -20.75 12.22 -1.97
CA ASN C 109 -21.12 12.93 -3.21
C ASN C 109 -20.91 14.36 -3.10
N THR C 110 -21.29 14.92 -1.95
CA THR C 110 -21.22 16.33 -1.69
C THR C 110 -19.78 16.80 -1.56
N ILE C 111 -18.96 15.99 -0.90
CA ILE C 111 -17.58 16.42 -0.76
C ILE C 111 -16.93 16.50 -2.19
N MET C 112 -17.21 15.53 -3.06
CA MET C 112 -16.66 15.47 -4.42
C MET C 112 -17.04 16.81 -5.11
N LYS C 113 -18.29 17.24 -4.94
CA LYS C 113 -18.70 18.57 -5.49
C LYS C 113 -17.95 19.70 -4.92
N LEU C 114 -17.76 19.75 -3.58
CA LEU C 114 -16.99 20.81 -2.97
C LEU C 114 -15.64 20.97 -3.66
N PHE C 115 -15.02 19.84 -4.00
CA PHE C 115 -13.65 19.89 -4.56
C PHE C 115 -13.65 20.18 -6.09
N LEU C 116 -14.61 19.63 -6.77
CA LEU C 116 -14.49 19.52 -8.20
C LEU C 116 -15.42 20.48 -9.02
N ASP C 117 -16.45 20.99 -8.35
CA ASP C 117 -17.50 21.69 -9.16
C ASP C 117 -16.95 23.06 -9.51
N ASN C 118 -17.27 23.51 -10.69
CA ASN C 118 -16.97 24.90 -11.04
C ASN C 118 -17.85 25.31 -12.25
N ASP C 119 -17.40 26.34 -12.98
CA ASP C 119 -18.23 26.84 -14.09
C ASP C 119 -18.32 25.89 -15.29
N ILE C 120 -17.43 24.89 -15.36
CA ILE C 120 -17.48 24.00 -16.50
C ILE C 120 -17.76 22.50 -16.19
N PHE C 121 -17.78 22.17 -14.91
CA PHE C 121 -17.97 20.79 -14.54
C PHE C 121 -18.82 20.70 -13.29
N SER C 122 -19.76 19.76 -13.27
CA SER C 122 -20.59 19.52 -12.05
C SER C 122 -20.51 18.01 -11.75
N TYR C 123 -19.95 17.69 -10.59
CA TYR C 123 -19.79 16.23 -10.28
C TYR C 123 -21.15 15.53 -10.10
N SER C 124 -21.24 14.30 -10.63
CA SER C 124 -22.39 13.49 -10.37
C SER C 124 -21.89 12.03 -10.31
N PHE C 125 -22.39 11.22 -9.37
CA PHE C 125 -21.87 9.88 -9.27
C PHE C 125 -22.04 9.05 -10.55
N GLU C 126 -23.24 9.17 -11.12
CA GLU C 126 -23.73 8.35 -12.22
C GLU C 126 -22.79 8.61 -13.39
N LYS C 127 -22.16 9.77 -13.39
CA LYS C 127 -21.31 10.10 -14.52
C LYS C 127 -19.89 9.67 -14.39
N GLY C 128 -19.38 9.41 -13.18
CA GLY C 128 -17.93 9.16 -13.01
C GLY C 128 -17.42 7.82 -13.58
N GLN C 129 -16.16 7.74 -13.99
CA GLN C 129 -15.66 6.48 -14.55
C GLN C 129 -15.21 5.62 -13.36
N SER C 130 -15.77 4.44 -13.13
CA SER C 130 -15.30 3.61 -12.00
C SER C 130 -14.15 2.75 -12.39
N LEU C 131 -13.05 2.89 -11.68
CA LEU C 131 -11.85 2.10 -11.94
C LEU C 131 -11.93 0.74 -11.26
N SER C 132 -11.27 -0.27 -11.81
CA SER C 132 -11.19 -1.56 -11.13
C SER C 132 -10.11 -1.32 -10.03
N LEU C 133 -10.04 -2.19 -9.05
CA LEU C 133 -8.96 -2.10 -8.08
C LEU C 133 -7.61 -2.14 -8.74
N SER C 134 -7.40 -2.98 -9.77
CA SER C 134 -6.08 -2.95 -10.45
C SER C 134 -5.77 -1.66 -11.06
N GLN C 135 -6.77 -1.07 -11.73
CA GLN C 135 -6.48 0.23 -12.36
C GLN C 135 -6.21 1.28 -11.30
N LEU C 136 -6.94 1.25 -10.18
CA LEU C 136 -6.69 2.24 -9.17
C LEU C 136 -5.27 2.06 -8.63
N GLN C 137 -4.86 0.83 -8.34
CA GLN C 137 -3.50 0.63 -7.79
C GLN C 137 -2.41 1.19 -8.73
N GLU C 138 -2.53 0.88 -10.02
N GLU C 138 -2.58 1.08 -10.05
CA GLU C 138 -1.58 1.35 -11.03
CA GLU C 138 -1.67 1.77 -11.01
C GLU C 138 -1.47 2.88 -10.95
C GLU C 138 -1.59 3.27 -10.75
N ARG C 139 -2.60 3.52 -10.70
N ARG C 139 -2.73 3.92 -10.64
N ARG C 139 -3.13 3.77 -10.30
CA ARG C 139 -2.64 4.99 -10.44
CA ARG C 139 -2.74 5.34 -10.36
CA ARG C 139 -2.46 5.06 -10.38
C ARG C 139 -2.07 5.46 -9.10
C ARG C 139 -2.11 5.61 -9.01
C ARG C 139 -2.03 5.53 -9.02
N LEU C 140 -2.48 4.82 -8.00
CA LEU C 140 -2.07 5.21 -6.63
C LEU C 140 -0.54 4.96 -6.40
N ALA C 141 0.02 4.13 -7.27
N ALA C 141 0.01 3.95 -7.05
CA ALA C 141 1.46 3.82 -7.33
CA ALA C 141 1.41 3.56 -6.80
C ALA C 141 2.23 4.87 -8.20
C ALA C 141 2.29 4.79 -6.64
N SER C 142 1.51 5.57 -9.06
N SER C 142 2.09 5.77 -7.51
CA SER C 142 2.17 6.52 -9.94
CA SER C 142 3.02 6.87 -7.54
C SER C 142 1.74 7.96 -9.76
C SER C 142 2.58 8.23 -7.96
N LEU C 143 1.38 8.41 -8.54
CA LEU C 143 0.69 9.75 -8.36
C LEU C 143 1.66 10.94 -8.32
N PRO C 144 1.57 11.83 -9.32
CA PRO C 144 2.47 12.99 -9.35
C PRO C 144 2.40 13.76 -8.03
N ALA C 145 3.57 14.05 -7.45
CA ALA C 145 3.66 14.71 -6.10
C ALA C 145 3.08 16.12 -5.97
N HIS C 146 3.13 16.89 -7.06
CA HIS C 146 2.86 18.32 -6.95
C HIS C 146 1.39 18.55 -7.35
N LYS C 147 0.69 17.46 -7.68
CA LYS C 147 -0.77 17.46 -7.97
C LYS C 147 -1.68 16.91 -6.83
N ASN C 148 -2.90 17.48 -6.70
CA ASN C 148 -3.86 16.96 -5.67
C ASN C 148 -4.84 16.00 -6.30
N PHE C 149 -5.21 14.96 -5.54
CA PHE C 149 -6.16 14.03 -6.03
C PHE C 149 -7.21 13.74 -4.95
N ILE C 150 -8.38 13.31 -5.41
CA ILE C 150 -9.48 12.97 -4.47
C ILE C 150 -10.13 11.72 -5.05
N LEU C 151 -10.36 10.75 -4.15
CA LEU C 151 -10.89 9.47 -4.54
C LEU C 151 -12.24 9.21 -3.90
N ARG C 152 -13.26 8.92 -4.70
CA ARG C 152 -14.53 8.57 -4.08
C ARG C 152 -14.65 7.07 -4.09
N VAL C 153 -15.04 6.50 -2.93
CA VAL C 153 -15.18 5.06 -2.79
C VAL C 153 -16.56 4.59 -2.34
N ASN C 154 -17.13 3.61 -3.05
CA ASN C 154 -18.12 2.68 -2.48
C ASN C 154 -17.42 1.34 -2.24
N ASP C 155 -17.59 0.84 -1.03
CA ASP C 155 -16.89 -0.33 -0.52
C ASP C 155 -17.99 -1.39 -0.21
N GLY C 156 -18.02 -2.42 -1.07
CA GLY C 156 -19.16 -3.34 -1.13
C GLY C 156 -19.32 -4.13 0.17
N GLY C 157 -18.22 -4.64 0.69
CA GLY C 157 -18.23 -5.40 1.93
C GLY C 157 -18.68 -4.63 3.18
N LEU C 158 -18.22 -3.38 3.29
CA LEU C 158 -18.62 -2.52 4.38
C LEU C 158 -19.95 -1.82 4.15
N GLY C 159 -20.51 -1.93 2.93
CA GLY C 159 -21.80 -1.21 2.57
C GLY C 159 -21.61 0.26 2.96
N HIS C 160 -20.48 0.84 2.53
CA HIS C 160 -20.11 2.14 3.04
C HIS C 160 -19.55 2.96 1.89
N ALA C 161 -19.49 4.24 2.09
CA ALA C 161 -18.88 5.18 1.10
C ALA C 161 -18.11 6.22 1.82
N TYR C 162 -17.02 6.66 1.17
CA TYR C 162 -16.18 7.61 1.83
C TYR C 162 -15.27 8.31 0.77
N VAL C 163 -14.57 9.32 1.22
CA VAL C 163 -13.68 10.05 0.31
C VAL C 163 -12.28 10.04 0.96
N ILE C 164 -11.28 9.82 0.11
CA ILE C 164 -9.90 10.00 0.51
C ILE C 164 -9.28 11.16 -0.29
N ASP C 165 -8.66 12.09 0.44
CA ASP C 165 -8.14 13.31 -0.12
C ASP C 165 -6.62 13.09 -0.13
N PHE C 166 -5.99 13.27 -1.28
CA PHE C 166 -4.50 13.18 -1.42
C PHE C 166 -3.91 14.55 -1.81
N PRO C 167 -3.69 15.46 -0.86
CA PRO C 167 -3.18 16.80 -1.12
C PRO C 167 -1.75 16.69 -1.69
N ALA C 168 -1.39 17.61 -2.57
CA ALA C 168 0.03 17.68 -3.06
C ALA C 168 0.91 17.87 -1.87
N THR C 169 2.11 17.34 -1.95
CA THR C 169 3.04 17.53 -0.84
C THR C 169 4.44 17.58 -1.39
N THR C 170 5.25 18.22 -0.58
CA THR C 170 6.65 18.31 -0.78
C THR C 170 7.34 17.11 -0.09
N ASN C 171 6.59 16.37 0.71
CA ASN C 171 7.17 15.28 1.50
C ASN C 171 7.19 13.97 0.66
N PRO C 172 8.38 13.35 0.45
CA PRO C 172 8.49 12.07 -0.30
C PRO C 172 7.32 11.06 -0.11
N SER C 173 6.75 10.93 1.09
N SER C 173 6.85 10.88 1.12
CA SER C 173 5.74 9.91 1.38
CA SER C 173 5.77 9.97 1.45
C SER C 173 4.33 10.47 1.71
C SER C 173 4.49 10.84 1.62
N ARG C 174 3.58 10.81 0.65
CA ARG C 174 2.38 11.68 0.77
C ARG C 174 1.36 11.18 1.80
N ASP C 175 0.75 12.10 2.53
CA ASP C 175 -0.24 11.74 3.55
C ASP C 175 -1.61 11.74 2.86
N ALA C 176 -2.52 10.85 3.28
CA ALA C 176 -3.90 10.89 2.79
C ALA C 176 -4.88 11.13 3.95
N PHE C 177 -6.10 11.57 3.62
CA PHE C 177 -7.04 11.91 4.71
C PHE C 177 -8.37 11.31 4.36
N LEU C 178 -9.05 10.66 5.33
CA LEU C 178 -10.33 10.02 5.01
C LEU C 178 -11.47 10.91 5.52
N TYR C 179 -12.54 11.09 4.73
CA TYR C 179 -13.71 11.86 5.16
C TYR C 179 -14.89 10.95 5.06
N GLN C 180 -15.81 11.02 6.00
CA GLN C 180 -16.95 10.13 5.89
C GLN C 180 -18.04 10.56 6.83
N SER C 181 -19.24 10.04 6.56
CA SER C 181 -20.21 9.81 7.66
C SER C 181 -20.69 8.36 7.53
N ASP C 182 -21.50 7.87 8.49
CA ASP C 182 -21.88 6.47 8.37
C ASP C 182 -23.24 6.24 9.10
N LEU C 183 -24.21 5.60 8.42
CA LEU C 183 -25.47 5.12 9.01
C LEU C 183 -25.20 4.13 10.18
N GLY C 184 -24.16 3.32 10.09
CA GLY C 184 -23.85 2.49 11.27
C GLY C 184 -24.54 1.12 11.22
N GLU C 185 -25.19 0.76 10.12
CA GLU C 185 -25.83 -0.57 10.14
C GLU C 185 -24.90 -1.69 9.72
N GLY C 186 -23.68 -1.36 9.29
CA GLY C 186 -22.71 -2.36 8.85
C GLY C 186 -21.68 -2.78 9.90
N VAL C 187 -20.51 -3.16 9.47
CA VAL C 187 -19.44 -3.54 10.38
C VAL C 187 -19.04 -2.32 11.23
N THR C 188 -18.95 -1.14 10.58
CA THR C 188 -18.57 0.10 11.28
C THR C 188 -19.78 0.71 11.94
N ARG C 189 -19.59 1.52 12.98
CA ARG C 189 -20.71 2.09 13.73
C ARG C 189 -21.09 3.45 13.18
N GLU C 190 -22.24 3.94 13.61
CA GLU C 190 -22.71 5.27 13.21
C GLU C 190 -21.75 6.39 13.55
N VAL C 191 -21.55 7.32 12.60
CA VAL C 191 -20.75 8.51 12.94
C VAL C 191 -21.27 9.70 12.07
N ARG C 192 -21.51 10.81 12.70
CA ARG C 192 -21.90 12.01 12.01
C ARG C 192 -20.70 12.57 11.28
N PHE C 193 -20.98 13.16 10.12
CA PHE C 193 -19.92 13.83 9.35
C PHE C 193 -19.16 14.78 10.24
N GLU C 194 -19.86 15.65 10.94
CA GLU C 194 -19.12 16.65 11.77
C GLU C 194 -18.27 16.03 12.85
N ASP C 195 -18.78 14.98 13.55
CA ASP C 195 -17.96 14.29 14.60
C ASP C 195 -16.70 13.72 14.00
N TRP C 196 -16.86 13.11 12.84
CA TRP C 196 -15.69 12.52 12.17
C TRP C 196 -14.65 13.60 11.85
N MET C 197 -15.11 14.67 11.22
CA MET C 197 -14.17 15.77 10.83
C MET C 197 -13.50 16.38 11.99
N THR C 198 -14.21 16.55 13.10
CA THR C 198 -13.59 17.27 14.18
C THR C 198 -12.74 16.38 15.02
N GLN C 199 -13.04 15.06 15.09
CA GLN C 199 -12.23 14.18 15.95
C GLN C 199 -11.13 13.39 15.27
N LYS C 200 -11.33 12.94 14.02
CA LYS C 200 -10.31 12.04 13.48
C LYS C 200 -9.82 12.32 12.07
N ALA C 201 -10.55 13.11 11.29
CA ALA C 201 -10.25 13.28 9.85
C ALA C 201 -8.86 13.83 9.63
N SER C 202 -8.40 14.69 10.51
CA SER C 202 -7.10 15.27 10.28
C SER C 202 -5.92 14.35 10.55
N HIS C 203 -6.17 13.15 11.06
CA HIS C 203 -5.09 12.15 11.28
C HIS C 203 -4.69 11.50 9.97
N PRO C 204 -3.45 11.70 9.53
CA PRO C 204 -3.07 11.21 8.19
C PRO C 204 -2.96 9.72 8.13
N ILE C 205 -3.34 9.14 7.00
CA ILE C 205 -3.11 7.75 6.81
C ILE C 205 -2.21 7.55 5.58
N SER C 206 -1.45 6.47 5.56
CA SER C 206 -0.52 6.25 4.45
C SER C 206 -1.27 5.59 3.29
N LEU C 207 -0.73 5.71 2.08
CA LEU C 207 -1.31 5.01 0.98
C LEU C 207 -1.27 3.50 1.16
N ASP C 208 -0.19 3.04 1.77
CA ASP C 208 -0.11 1.64 2.14
C ASP C 208 -1.31 1.19 3.00
N ASP C 209 -1.70 1.98 4.02
CA ASP C 209 -2.84 1.68 4.91
C ASP C 209 -4.12 1.50 4.06
N ILE C 210 -4.33 2.45 3.13
CA ILE C 210 -5.49 2.44 2.23
C ILE C 210 -5.52 1.22 1.31
N ASN C 211 -4.38 0.91 0.67
CA ASN C 211 -4.34 -0.21 -0.25
C ASN C 211 -4.48 -1.53 0.53
N THR C 212 -3.88 -1.58 1.73
CA THR C 212 -4.02 -2.76 2.64
C THR C 212 -5.45 -3.05 2.92
N HIS C 213 -6.24 -2.01 3.17
CA HIS C 213 -7.70 -2.16 3.31
C HIS C 213 -8.34 -2.77 2.08
N PHE C 214 -8.15 -2.17 0.89
CA PHE C 214 -8.86 -2.64 -0.27
C PHE C 214 -8.49 -4.10 -0.60
N ILE C 215 -7.19 -4.34 -0.62
N ILE C 215 -7.20 -4.38 -0.65
CA ILE C 215 -6.61 -5.66 -0.85
CA ILE C 215 -6.77 -5.73 -0.98
C ILE C 215 -7.03 -6.72 0.15
C ILE C 215 -7.08 -6.76 0.15
N GLY C 216 -7.05 -6.36 1.42
CA GLY C 216 -7.48 -7.27 2.50
C GLY C 216 -8.94 -7.65 2.41
N ILE C 217 -9.83 -6.68 2.29
CA ILE C 217 -11.24 -7.02 2.22
C ILE C 217 -11.51 -7.77 0.86
N ALA C 218 -10.87 -7.34 -0.22
CA ALA C 218 -11.18 -7.98 -1.50
C ALA C 218 -10.67 -9.44 -1.50
N GLN C 219 -9.60 -9.70 -0.76
CA GLN C 219 -9.06 -11.06 -0.60
C GLN C 219 -9.57 -11.89 0.60
N ASP C 220 -10.61 -11.41 1.26
CA ASP C 220 -11.14 -12.05 2.50
C ASP C 220 -10.02 -12.34 3.51
N GLN C 221 -9.19 -11.33 3.68
CA GLN C 221 -8.13 -11.34 4.67
C GLN C 221 -8.34 -10.11 5.54
N ILE C 222 -9.51 -9.94 6.13
CA ILE C 222 -9.80 -8.76 6.90
C ILE C 222 -9.16 -8.79 8.32
N ASP C 223 -8.51 -7.71 8.72
CA ASP C 223 -8.09 -7.58 10.10
C ASP C 223 -8.94 -6.50 10.73
N LEU C 224 -9.74 -6.87 11.74
CA LEU C 224 -10.65 -5.89 12.36
C LEU C 224 -9.89 -4.73 12.94
N ALA C 225 -8.65 -4.96 13.38
CA ALA C 225 -7.89 -3.86 13.96
C ALA C 225 -7.60 -2.79 12.87
N HIS C 226 -7.43 -3.25 11.64
CA HIS C 226 -7.12 -2.33 10.53
C HIS C 226 -8.38 -1.48 10.16
N ILE C 227 -9.56 -2.12 10.11
CA ILE C 227 -10.81 -1.40 9.95
C ILE C 227 -10.99 -0.37 11.06
N ALA C 228 -10.64 -0.75 12.32
CA ALA C 228 -10.84 0.20 13.39
C ALA C 228 -9.92 1.40 13.21
N LYS C 229 -8.67 1.15 12.85
CA LYS C 229 -7.68 2.20 12.71
C LYS C 229 -8.13 3.23 11.65
N LEU C 230 -8.73 2.73 10.56
N LEU C 230 -8.71 2.76 10.54
CA LEU C 230 -9.13 3.58 9.45
CA LEU C 230 -9.09 3.70 9.46
C LEU C 230 -10.44 4.30 9.66
C LEU C 230 -10.46 4.33 9.65
N PHE C 231 -11.44 3.57 10.16
CA PHE C 231 -12.82 4.00 10.06
C PHE C 231 -13.51 4.33 11.37
N ASP C 232 -12.99 3.80 12.51
CA ASP C 232 -13.66 4.06 13.77
C ASP C 232 -13.12 5.34 14.44
N VAL C 233 -14.05 6.19 14.89
CA VAL C 233 -13.65 7.51 15.39
C VAL C 233 -12.74 7.42 16.60
N ASP C 234 -12.85 6.35 17.41
CA ASP C 234 -11.95 6.13 18.57
C ASP C 234 -10.88 5.12 18.26
N GLY C 235 -10.78 4.62 17.01
CA GLY C 235 -9.88 3.50 16.72
C GLY C 235 -10.21 2.25 17.57
N ASN C 236 -11.48 2.04 17.88
CA ASN C 236 -11.84 1.04 18.90
C ASN C 236 -12.43 -0.20 18.27
N VAL C 237 -11.65 -1.25 18.21
N VAL C 237 -11.68 -1.28 18.17
CA VAL C 237 -12.11 -2.49 17.59
CA VAL C 237 -12.21 -2.52 17.56
C VAL C 237 -13.42 -3.11 18.19
C VAL C 237 -13.52 -3.07 18.18
N LYS C 238 -13.73 -2.79 19.46
CA LYS C 238 -14.85 -3.38 20.14
C LYS C 238 -16.11 -2.76 19.67
N MET C 239 -15.99 -1.60 18.99
CA MET C 239 -17.19 -1.03 18.43
C MET C 239 -17.60 -1.64 17.09
N LEU C 240 -16.74 -2.44 16.48
CA LEU C 240 -17.09 -3.01 15.18
C LEU C 240 -18.06 -4.24 15.28
N ARG C 241 -18.79 -4.56 14.22
CA ARG C 241 -19.60 -5.81 14.19
C ARG C 241 -19.29 -6.63 13.01
N ALA C 242 -18.28 -7.51 13.14
CA ALA C 242 -17.87 -8.47 12.10
C ALA C 242 -19.03 -9.18 11.37
N ASP C 243 -20.07 -9.58 12.10
CA ASP C 243 -21.14 -10.35 11.47
C ASP C 243 -22.07 -9.51 10.62
N HIS C 244 -21.83 -8.20 10.58
CA HIS C 244 -22.55 -7.38 9.64
C HIS C 244 -21.80 -7.17 8.32
N LEU C 245 -20.66 -7.81 8.16
CA LEU C 245 -19.91 -7.78 6.90
C LEU C 245 -20.84 -8.25 5.75
N ILE C 246 -20.84 -7.55 4.61
CA ILE C 246 -21.55 -8.09 3.45
C ILE C 246 -20.62 -9.00 2.66
N SER C 247 -20.55 -10.26 3.09
CA SER C 247 -19.50 -11.15 2.58
C SER C 247 -19.53 -11.38 1.08
N HIS C 248 -20.68 -11.32 0.40
CA HIS C 248 -20.67 -11.56 -1.07
C HIS C 248 -20.33 -10.29 -1.87
N LYS C 249 -20.10 -9.16 -1.18
CA LYS C 249 -19.67 -7.93 -1.88
C LYS C 249 -18.27 -7.45 -1.56
N THR C 250 -17.47 -8.23 -0.83
CA THR C 250 -16.14 -7.77 -0.35
C THR C 250 -15.17 -7.31 -1.44
N SER C 251 -15.31 -7.86 -2.64
CA SER C 251 -14.42 -7.43 -3.72
C SER C 251 -15.09 -6.42 -4.66
N GLU C 252 -16.28 -5.94 -4.31
CA GLU C 252 -16.99 -4.92 -5.15
C GLU C 252 -16.77 -3.50 -4.64
N PHE C 253 -16.20 -2.66 -5.50
CA PHE C 253 -15.93 -1.28 -5.16
C PHE C 253 -16.40 -0.35 -6.27
N ASN C 254 -16.70 0.89 -5.94
CA ASN C 254 -16.78 1.88 -7.01
C ASN C 254 -15.68 2.81 -6.70
N PHE C 255 -14.70 3.00 -7.60
CA PHE C 255 -13.61 3.92 -7.31
C PHE C 255 -13.59 5.09 -8.31
N GLN C 256 -13.69 6.32 -7.88
CA GLN C 256 -13.64 7.43 -8.85
C GLN C 256 -12.53 8.37 -8.44
N LEU C 257 -11.49 8.46 -9.28
CA LEU C 257 -10.31 9.24 -8.89
C LEU C 257 -10.21 10.49 -9.82
N PHE C 258 -10.11 11.64 -9.20
CA PHE C 258 -9.97 12.93 -9.93
C PHE C 258 -8.77 13.75 -9.40
N GLU C 259 -8.18 14.55 -10.28
CA GLU C 259 -7.33 15.62 -9.86
C GLU C 259 -8.16 16.81 -9.42
N TYR C 260 -7.72 17.58 -8.44
CA TYR C 260 -8.39 18.77 -8.09
C TYR C 260 -7.46 19.96 -7.90
N ASP C 261 -8.04 21.14 -7.99
CA ASP C 261 -7.32 22.39 -7.73
C ASP C 261 -7.68 22.92 -6.38
N LEU C 262 -6.72 23.07 -5.45
CA LEU C 262 -7.08 23.59 -4.16
C LEU C 262 -7.81 24.94 -4.20
N LYS C 263 -7.49 25.78 -5.20
CA LYS C 263 -8.15 27.11 -5.27
C LYS C 263 -9.64 27.03 -5.60
N ASN C 264 -10.04 26.01 -6.37
CA ASN C 264 -11.40 25.71 -6.61
C ASN C 264 -12.19 25.28 -5.36
N LEU C 265 -11.63 24.37 -4.59
CA LEU C 265 -12.21 24.10 -3.29
C LEU C 265 -12.37 25.37 -2.42
N GLU C 266 -11.32 26.20 -2.30
CA GLU C 266 -11.36 27.41 -1.50
C GLU C 266 -12.45 28.33 -2.07
N ASN C 267 -12.54 28.36 -3.39
CA ASN C 267 -13.55 29.21 -4.07
C ASN C 267 -14.93 28.74 -3.68
N ASN C 268 -15.21 27.43 -3.81
CA ASN C 268 -16.55 26.91 -3.44
C ASN C 268 -16.90 27.18 -1.99
N MET C 269 -15.94 26.99 -1.08
CA MET C 269 -16.14 27.29 0.33
C MET C 269 -16.41 28.80 0.57
N SER C 270 -15.70 29.68 -0.14
N SER C 270 -15.71 29.67 -0.17
CA SER C 270 -15.91 31.13 0.08
CA SER C 270 -15.85 31.14 0.02
C SER C 270 -17.36 31.47 -0.21
C SER C 270 -17.25 31.61 -0.35
N ILE C 271 -17.87 30.92 -1.31
CA ILE C 271 -19.23 31.18 -1.75
C ILE C 271 -20.23 30.58 -0.75
N ILE C 272 -20.00 29.34 -0.37
CA ILE C 272 -20.92 28.71 0.54
C ILE C 272 -20.94 29.47 1.85
N LYS C 273 -19.79 29.96 2.28
CA LYS C 273 -19.77 30.76 3.49
C LYS C 273 -20.51 32.11 3.42
N THR C 274 -20.88 32.57 2.21
CA THR C 274 -21.86 33.67 1.97
C THR C 274 -23.18 32.99 1.63
N MET D 1 -41.04 -3.03 -14.80
CA MET D 1 -41.94 -1.93 -14.40
C MET D 1 -41.07 -0.81 -13.88
N LEU D 2 -41.31 0.37 -14.43
CA LEU D 2 -40.76 1.62 -13.94
C LEU D 2 -41.51 2.05 -12.67
N ILE D 3 -40.75 2.20 -11.59
CA ILE D 3 -41.26 2.85 -10.37
C ILE D 3 -40.47 4.13 -10.16
N LYS D 4 -41.00 5.00 -9.28
CA LYS D 4 -40.37 6.26 -8.89
C LYS D 4 -39.88 6.10 -7.48
N VAL D 5 -38.61 6.46 -7.29
CA VAL D 5 -38.01 6.57 -5.95
C VAL D 5 -37.80 8.05 -5.74
N LYS D 6 -38.47 8.58 -4.72
CA LYS D 6 -38.37 9.99 -4.42
C LYS D 6 -37.48 10.29 -3.24
N THR D 7 -36.61 11.28 -3.40
CA THR D 7 -35.79 11.74 -2.25
C THR D 7 -36.59 12.76 -1.46
N LEU D 8 -36.02 13.29 -0.38
CA LEU D 8 -36.70 14.29 0.46
C LEU D 8 -37.02 15.58 -0.28
N THR D 9 -36.14 15.93 -1.24
CA THR D 9 -36.39 17.11 -2.06
C THR D 9 -37.47 16.81 -3.10
N GLY D 10 -38.05 15.63 -3.11
CA GLY D 10 -39.04 15.30 -4.18
C GLY D 10 -38.40 14.96 -5.52
N LYS D 11 -37.05 14.89 -5.57
CA LYS D 11 -36.42 14.40 -6.82
C LYS D 11 -36.91 12.99 -7.10
N GLU D 12 -37.33 12.74 -8.34
CA GLU D 12 -37.86 11.42 -8.69
C GLU D 12 -36.82 10.64 -9.45
N ILE D 13 -36.45 9.48 -8.93
CA ILE D 13 -35.48 8.64 -9.60
C ILE D 13 -36.27 7.48 -10.22
N GLU D 14 -36.19 7.33 -11.53
CA GLU D 14 -36.87 6.21 -12.21
C GLU D 14 -36.03 4.93 -12.13
N ILE D 15 -36.62 3.85 -11.60
CA ILE D 15 -35.93 2.59 -11.35
C ILE D 15 -36.75 1.51 -12.07
N ASP D 16 -36.06 0.60 -12.74
CA ASP D 16 -36.68 -0.49 -13.50
C ASP D 16 -36.48 -1.74 -12.70
N ILE D 17 -37.57 -2.31 -12.20
CA ILE D 17 -37.46 -3.52 -11.40
C ILE D 17 -38.44 -4.56 -11.92
N GLU D 18 -38.31 -5.76 -11.38
CA GLU D 18 -39.32 -6.81 -11.56
C GLU D 18 -40.11 -6.91 -10.24
N PRO D 19 -41.44 -7.13 -10.30
CA PRO D 19 -42.21 -7.14 -9.05
C PRO D 19 -41.71 -8.22 -8.08
N THR D 20 -40.93 -9.18 -8.57
CA THR D 20 -40.34 -10.20 -7.70
C THR D 20 -38.94 -9.82 -7.18
N ASP D 21 -38.41 -8.67 -7.59
CA ASP D 21 -37.08 -8.25 -7.07
C ASP D 21 -37.15 -8.04 -5.55
N LYS D 22 -36.12 -8.49 -4.85
CA LYS D 22 -35.94 -8.14 -3.45
C LYS D 22 -35.80 -6.61 -3.23
N VAL D 23 -36.17 -6.12 -2.06
CA VAL D 23 -36.02 -4.70 -1.78
C VAL D 23 -34.51 -4.38 -1.92
N GLU D 24 -33.67 -5.27 -1.40
CA GLU D 24 -32.22 -5.21 -1.65
C GLU D 24 -31.81 -4.83 -3.11
N ARG D 25 -32.50 -5.41 -4.09
CA ARG D 25 -32.19 -5.16 -5.48
C ARG D 25 -32.70 -3.80 -5.91
N ILE D 26 -33.83 -3.33 -5.37
CA ILE D 26 -34.24 -1.98 -5.64
C ILE D 26 -33.10 -1.05 -5.19
N LYS D 27 -32.57 -1.27 -3.99
N LYS D 27 -32.57 -1.27 -3.99
CA LYS D 27 -31.51 -0.40 -3.47
CA LYS D 27 -31.51 -0.38 -3.48
C LYS D 27 -30.26 -0.42 -4.38
C LYS D 27 -30.25 -0.43 -4.36
N GLU D 28 -29.93 -1.59 -4.92
CA GLU D 28 -28.82 -1.71 -5.87
C GLU D 28 -29.05 -0.86 -7.13
N ARG D 29 -30.31 -0.73 -7.54
CA ARG D 29 -30.56 0.10 -8.74
C ARG D 29 -30.48 1.57 -8.37
N VAL D 30 -30.96 1.88 -7.16
CA VAL D 30 -30.76 3.23 -6.66
C VAL D 30 -29.29 3.59 -6.60
N GLU D 31 -28.47 2.67 -6.11
CA GLU D 31 -27.05 2.90 -6.00
C GLU D 31 -26.37 3.24 -7.35
N GLU D 32 -26.74 2.53 -8.42
CA GLU D 32 -26.25 2.88 -9.82
C GLU D 32 -26.53 4.33 -10.19
N LYS D 33 -27.69 4.84 -9.82
CA LYS D 33 -27.99 6.20 -10.14
C LYS D 33 -27.41 7.20 -9.18
N GLU D 34 -27.45 6.90 -7.89
CA GLU D 34 -27.26 7.98 -6.94
C GLU D 34 -25.98 7.80 -6.15
N GLY D 35 -25.42 6.62 -6.22
CA GLY D 35 -24.11 6.28 -5.56
C GLY D 35 -24.23 5.91 -4.08
N ILE D 36 -25.45 5.68 -3.59
CA ILE D 36 -25.60 5.44 -2.12
C ILE D 36 -25.51 3.93 -1.97
N PRO D 37 -24.55 3.39 -1.19
CA PRO D 37 -24.56 1.99 -0.93
C PRO D 37 -25.89 1.51 -0.32
N PRO D 38 -26.40 0.32 -0.74
CA PRO D 38 -27.71 -0.09 -0.24
C PRO D 38 -27.87 -0.16 1.28
N GLN D 39 -26.84 -0.60 2.01
CA GLN D 39 -26.89 -0.65 3.48
C GLN D 39 -26.95 0.76 4.09
N GLN D 40 -26.71 1.82 3.28
CA GLN D 40 -26.87 3.21 3.79
C GLN D 40 -28.24 3.75 3.48
N GLN D 41 -29.02 3.01 2.69
CA GLN D 41 -30.33 3.52 2.21
C GLN D 41 -31.45 2.95 3.09
N ARG D 42 -32.55 3.70 3.19
CA ARG D 42 -33.77 3.22 3.84
C ARG D 42 -34.99 3.56 2.97
N LEU D 43 -35.72 2.53 2.56
CA LEU D 43 -36.84 2.70 1.67
C LEU D 43 -38.16 2.51 2.47
N ILE D 44 -39.06 3.47 2.21
CA ILE D 44 -40.40 3.66 2.77
C ILE D 44 -41.48 3.60 1.67
N TYR D 45 -42.43 2.69 1.84
CA TYR D 45 -43.64 2.64 1.01
C TYR D 45 -44.89 2.91 1.88
N SER D 46 -45.58 4.00 1.49
CA SER D 46 -46.84 4.50 2.12
C SER D 46 -46.75 4.50 3.63
N GLY D 47 -45.68 5.10 4.15
CA GLY D 47 -45.40 5.10 5.58
C GLY D 47 -44.66 3.90 6.14
N LYS D 48 -44.50 2.83 5.38
CA LYS D 48 -43.80 1.64 5.91
C LYS D 48 -42.34 1.40 5.44
N GLN D 49 -41.46 1.19 6.40
CA GLN D 49 -40.09 0.81 6.15
C GLN D 49 -39.99 -0.60 5.50
N MET D 50 -39.45 -0.65 4.28
CA MET D 50 -39.35 -1.88 3.49
C MET D 50 -38.23 -2.74 3.94
N ASN D 51 -38.55 -4.01 4.17
CA ASN D 51 -37.62 -5.02 4.64
C ASN D 51 -36.82 -5.51 3.44
N ASP D 52 -35.49 -5.51 3.54
CA ASP D 52 -34.55 -5.80 2.45
C ASP D 52 -34.74 -7.19 1.83
N GLU D 53 -35.19 -8.12 2.65
N GLU D 53 -35.22 -8.13 2.62
CA GLU D 53 -35.37 -9.51 2.28
CA GLU D 53 -35.32 -9.46 2.14
C GLU D 53 -36.68 -9.80 1.58
C GLU D 53 -36.73 -9.90 1.74
N LYS D 54 -37.68 -8.99 1.82
CA LYS D 54 -38.98 -9.17 1.18
C LYS D 54 -38.91 -8.66 -0.27
N THR D 55 -40.02 -8.75 -1.03
CA THR D 55 -40.06 -8.40 -2.48
C THR D 55 -40.95 -7.21 -2.78
N ALA D 56 -40.77 -6.59 -3.95
CA ALA D 56 -41.62 -5.49 -4.35
C ALA D 56 -43.12 -5.88 -4.36
N ALA D 57 -43.39 -7.08 -4.89
CA ALA D 57 -44.74 -7.73 -4.85
C ALA D 57 -45.37 -7.69 -3.47
N ASP D 58 -44.61 -8.16 -2.46
CA ASP D 58 -45.00 -8.21 -1.03
C ASP D 58 -45.63 -6.93 -0.56
N TYR D 59 -45.23 -5.81 -1.16
CA TYR D 59 -45.70 -4.50 -0.73
C TYR D 59 -46.70 -3.98 -1.70
N LYS D 60 -47.15 -4.84 -2.60
CA LYS D 60 -48.09 -4.40 -3.65
C LYS D 60 -47.59 -3.19 -4.47
N ILE D 61 -46.28 -3.13 -4.67
CA ILE D 61 -45.70 -2.15 -5.56
C ILE D 61 -46.01 -2.53 -7.03
N LEU D 62 -46.51 -1.53 -7.76
N LEU D 62 -46.50 -1.59 -7.81
CA LEU D 62 -46.90 -1.67 -9.16
CA LEU D 62 -46.61 -1.88 -9.24
C LEU D 62 -46.18 -0.62 -10.01
C LEU D 62 -46.17 -0.66 -10.02
N GLY D 63 -46.34 -0.71 -11.33
CA GLY D 63 -45.81 0.29 -12.24
C GLY D 63 -46.27 1.65 -11.80
N GLY D 64 -45.34 2.60 -11.72
CA GLY D 64 -45.66 3.93 -11.26
C GLY D 64 -45.80 4.18 -9.75
N SER D 65 -45.77 3.14 -8.92
CA SER D 65 -45.77 3.34 -7.49
C SER D 65 -44.61 4.28 -7.11
N VAL D 66 -44.77 4.93 -5.96
N VAL D 66 -44.78 4.98 -5.99
CA VAL D 66 -43.79 5.85 -5.43
CA VAL D 66 -43.76 5.90 -5.47
C VAL D 66 -43.21 5.30 -4.11
C VAL D 66 -43.20 5.41 -4.12
N LEU D 67 -41.89 5.16 -4.11
CA LEU D 67 -41.15 4.80 -2.90
C LEU D 67 -40.42 6.05 -2.41
N HIS D 68 -40.02 6.04 -1.15
CA HIS D 68 -39.42 7.19 -0.53
C HIS D 68 -38.05 6.78 -0.03
N LEU D 69 -37.04 7.51 -0.51
CA LEU D 69 -35.65 7.15 -0.14
C LEU D 69 -35.22 8.03 1.03
N VAL D 70 -35.01 7.44 2.20
CA VAL D 70 -34.51 8.14 3.38
C VAL D 70 -32.96 7.99 3.47
N LEU D 71 -32.26 9.12 3.59
CA LEU D 71 -30.76 9.23 3.51
C LEU D 71 -30.16 10.00 4.69
N ALA D 72 -30.77 9.78 5.87
CA ALA D 72 -30.46 10.46 7.13
C ALA D 72 -30.13 9.44 8.21
N LEU D 73 -29.22 9.78 9.11
CA LEU D 73 -28.93 8.91 10.26
C LEU D 73 -30.23 8.66 11.09
#